data_9OJY
#
_entry.id   9OJY
#
_cell.length_a   251.546
_cell.length_b   65.589
_cell.length_c   54.416
_cell.angle_alpha   90
_cell.angle_beta   95.08
_cell.angle_gamma   90
#
_symmetry.space_group_name_H-M   'C 1 2 1'
#
loop_
_entity.id
_entity.type
_entity.pdbx_description
1 polymer 'Tumor necrosis factor'
2 non-polymer "(6R,13R,14S)-1-(difluoromethoxy)-11-[2-(2-hydroxypropan-2-yl)pyrimidin-5-yl]-7H-6,14-methanopyrido[3',2':4,5]imidazo[1,2-b][2,5]benzodiazocin-5(14H)-one"
3 water water
#
_entity_poly.entity_id   1
_entity_poly.type   'polypeptide(L)'
_entity_poly.pdbx_seq_one_letter_code
;MVRSSSRTPSDKPVAHVVANPQAEGQLQWLNRRANALLANGVELRDNQLVVPSEGLYLIYSQVLFKGQGCPSTHVLLTHT
ISRIAVSYQTKVNLLSAIKSPCQRETPEGAEAKPWYEPIYLGGVFQLEKGDRLSAEINRPDYLDFAESGQVYFGIIAL
;
_entity_poly.pdbx_strand_id   A,B,C,D,E,F
#
# COMPACT_ATOMS: atom_id res chain seq x y z
N PRO A 9 -30.34 7.46 17.82
CA PRO A 9 -30.16 6.46 16.74
C PRO A 9 -29.14 6.93 15.69
N SER A 10 -28.08 6.14 15.50
CA SER A 10 -27.01 6.49 14.56
C SER A 10 -27.37 6.28 13.07
N ASP A 11 -26.85 7.17 12.21
CA ASP A 11 -27.03 7.10 10.76
C ASP A 11 -25.71 6.73 10.04
N LYS A 12 -24.77 6.10 10.75
CA LYS A 12 -23.49 5.68 10.20
C LYS A 12 -23.64 4.43 9.33
N PRO A 13 -23.19 4.50 8.07
CA PRO A 13 -23.20 3.31 7.22
C PRO A 13 -22.44 2.12 7.82
N VAL A 14 -23.15 0.99 8.03
CA VAL A 14 -22.56 -0.22 8.61
C VAL A 14 -23.00 -1.46 7.85
N ALA A 15 -22.18 -2.50 7.88
CA ALA A 15 -22.47 -3.75 7.22
C ALA A 15 -21.75 -4.91 7.88
N HIS A 16 -22.42 -6.08 7.92
CA HIS A 16 -21.81 -7.29 8.42
C HIS A 16 -22.48 -8.45 7.71
N VAL A 17 -21.84 -8.96 6.66
CA VAL A 17 -22.36 -10.07 5.86
C VAL A 17 -21.62 -11.36 6.17
N VAL A 18 -22.29 -12.49 5.95
CA VAL A 18 -21.76 -13.81 6.27
C VAL A 18 -21.69 -14.71 5.03
N ALA A 19 -20.81 -15.71 5.04
CA ALA A 19 -20.66 -16.58 3.89
C ALA A 19 -21.80 -17.60 3.83
N ASN A 20 -22.17 -17.99 2.62
CA ASN A 20 -23.21 -19.00 2.43
C ASN A 20 -22.54 -20.35 2.59
N PRO A 21 -22.89 -21.11 3.62
CA PRO A 21 -22.26 -22.42 3.81
C PRO A 21 -22.65 -23.47 2.76
N GLN A 22 -23.75 -23.25 2.03
CA GLN A 22 -24.23 -24.16 1.01
C GLN A 22 -23.63 -23.89 -0.38
N ALA A 23 -23.25 -22.63 -0.66
CA ALA A 23 -22.68 -22.24 -1.95
C ALA A 23 -21.30 -22.85 -2.17
N GLU A 24 -21.26 -24.05 -2.74
CA GLU A 24 -20.04 -24.82 -2.99
C GLU A 24 -19.11 -24.21 -4.05
N GLY A 25 -17.83 -24.16 -3.73
CA GLY A 25 -16.82 -23.62 -4.63
C GLY A 25 -16.75 -22.11 -4.65
N GLN A 26 -17.34 -21.46 -3.63
CA GLN A 26 -17.35 -20.00 -3.59
C GLN A 26 -17.43 -19.43 -2.16
N LEU A 27 -17.10 -18.16 -2.04
CA LEU A 27 -17.23 -17.42 -0.81
C LEU A 27 -18.28 -16.35 -1.14
N GLN A 28 -19.54 -16.75 -1.07
CA GLN A 28 -20.67 -15.90 -1.42
C GLN A 28 -21.21 -15.23 -0.17
N TRP A 29 -21.28 -13.88 -0.16
CA TRP A 29 -21.76 -13.10 0.97
C TRP A 29 -23.26 -12.93 1.00
N LEU A 30 -23.83 -13.08 2.19
CA LEU A 30 -25.25 -12.98 2.43
C LEU A 30 -25.56 -11.98 3.49
N ASN A 31 -26.60 -11.21 3.30
CA ASN A 31 -27.11 -10.23 4.25
C ASN A 31 -28.51 -10.61 4.74
N ARG A 32 -29.20 -11.51 4.01
CA ARG A 32 -30.55 -11.95 4.33
C ARG A 32 -30.55 -13.18 5.22
N ARG A 33 -29.57 -13.28 6.11
CA ARG A 33 -29.51 -14.34 7.09
C ARG A 33 -29.65 -13.69 8.46
N ALA A 34 -29.98 -14.51 9.47
CA ALA A 34 -30.05 -14.01 10.85
C ALA A 34 -28.64 -13.55 11.25
N ASN A 35 -28.57 -12.47 12.03
CA ASN A 35 -27.30 -11.94 12.55
C ASN A 35 -26.34 -11.43 11.45
N ALA A 36 -26.92 -10.90 10.38
CA ALA A 36 -26.22 -10.28 9.29
C ALA A 36 -27.00 -9.01 8.93
N LEU A 37 -26.30 -7.93 8.56
CA LEU A 37 -27.00 -6.69 8.26
C LEU A 37 -26.31 -5.79 7.25
N LEU A 38 -27.12 -4.89 6.69
CA LEU A 38 -26.76 -3.85 5.74
C LEU A 38 -27.58 -2.67 6.25
N ALA A 39 -26.91 -1.62 6.75
CA ALA A 39 -27.64 -0.47 7.28
C ALA A 39 -27.08 0.86 6.83
N ASN A 40 -27.92 1.90 6.85
CA ASN A 40 -27.60 3.29 6.54
C ASN A 40 -26.93 3.51 5.17
N GLY A 41 -27.49 2.92 4.12
CA GLY A 41 -27.01 3.13 2.76
C GLY A 41 -26.14 2.06 2.14
N VAL A 42 -25.52 1.20 2.95
CA VAL A 42 -24.66 0.15 2.42
C VAL A 42 -25.52 -0.88 1.68
N GLU A 43 -25.04 -1.34 0.52
CA GLU A 43 -25.72 -2.33 -0.29
C GLU A 43 -24.80 -3.49 -0.63
N LEU A 44 -25.37 -4.65 -0.93
CA LEU A 44 -24.60 -5.82 -1.33
C LEU A 44 -25.03 -6.15 -2.74
N ARG A 45 -24.20 -5.80 -3.73
CA ARG A 45 -24.50 -6.03 -5.15
C ARG A 45 -23.36 -6.76 -5.82
N ASP A 46 -23.66 -7.89 -6.48
CA ASP A 46 -22.69 -8.70 -7.21
C ASP A 46 -21.53 -9.16 -6.33
N ASN A 47 -21.88 -9.66 -5.13
CA ASN A 47 -20.96 -10.14 -4.09
C ASN A 47 -20.04 -9.05 -3.52
N GLN A 48 -20.40 -7.79 -3.70
CA GLN A 48 -19.59 -6.68 -3.22
C GLN A 48 -20.36 -5.72 -2.34
N LEU A 49 -19.68 -5.08 -1.39
CA LEU A 49 -20.30 -4.08 -0.55
C LEU A 49 -20.15 -2.72 -1.26
N VAL A 50 -21.25 -1.97 -1.43
CA VAL A 50 -21.22 -0.69 -2.11
C VAL A 50 -21.28 0.45 -1.09
N VAL A 51 -20.29 1.33 -1.12
CA VAL A 51 -20.15 2.44 -0.18
C VAL A 51 -21.11 3.56 -0.50
N PRO A 52 -21.97 3.96 0.44
CA PRO A 52 -22.95 5.04 0.14
C PRO A 52 -22.41 6.47 0.22
N SER A 53 -21.36 6.71 1.01
CA SER A 53 -20.83 8.07 1.18
C SER A 53 -19.34 8.10 1.43
N GLU A 54 -18.72 9.23 1.09
CA GLU A 54 -17.29 9.46 1.27
C GLU A 54 -16.97 9.51 2.76
N GLY A 55 -15.76 9.07 3.14
CA GLY A 55 -15.32 9.10 4.52
C GLY A 55 -14.36 7.99 4.91
N LEU A 56 -13.92 8.01 6.16
CA LEU A 56 -13.04 6.95 6.68
C LEU A 56 -13.90 5.77 7.09
N TYR A 57 -13.48 4.56 6.73
CA TYR A 57 -14.21 3.35 7.09
C TYR A 57 -13.28 2.31 7.64
N LEU A 58 -13.78 1.55 8.61
CA LEU A 58 -13.08 0.40 9.10
C LEU A 58 -13.61 -0.75 8.23
N ILE A 59 -12.71 -1.53 7.65
CA ILE A 59 -13.08 -2.68 6.84
C ILE A 59 -12.47 -3.93 7.50
N TYR A 60 -13.25 -4.99 7.65
CA TYR A 60 -12.74 -6.21 8.28
C TYR A 60 -13.35 -7.47 7.63
N SER A 61 -12.68 -8.59 7.84
CA SER A 61 -13.08 -9.85 7.28
C SER A 61 -12.27 -10.96 7.89
N GLN A 62 -12.92 -12.09 8.11
CA GLN A 62 -12.27 -13.27 8.59
C GLN A 62 -12.74 -14.44 7.79
N VAL A 63 -11.83 -15.30 7.42
CA VAL A 63 -12.15 -16.54 6.73
C VAL A 63 -11.42 -17.65 7.51
N LEU A 64 -12.00 -18.85 7.59
CA LEU A 64 -11.32 -19.96 8.27
C LEU A 64 -11.10 -21.09 7.32
N PHE A 65 -9.85 -21.54 7.16
CA PHE A 65 -9.53 -22.66 6.30
C PHE A 65 -9.22 -23.89 7.18
N LYS A 66 -9.55 -25.08 6.67
CA LYS A 66 -9.31 -26.32 7.38
C LYS A 66 -9.06 -27.41 6.36
N GLY A 67 -8.07 -28.24 6.62
CA GLY A 67 -7.75 -29.36 5.76
C GLY A 67 -7.58 -30.63 6.54
N GLN A 68 -7.86 -31.76 5.90
CA GLN A 68 -7.72 -33.04 6.55
C GLN A 68 -6.36 -33.63 6.21
N GLY A 69 -5.33 -33.12 6.87
CA GLY A 69 -3.97 -33.59 6.66
C GLY A 69 -3.16 -32.87 5.61
N CYS A 70 -1.84 -32.87 5.80
CA CYS A 70 -0.89 -32.26 4.87
C CYS A 70 -0.10 -33.34 4.14
N PRO A 71 -0.49 -33.64 2.89
CA PRO A 71 0.21 -34.69 2.14
C PRO A 71 1.53 -34.24 1.51
N THR A 73 2.93 -31.33 -0.74
CA THR A 73 1.88 -30.40 -1.16
C THR A 73 2.20 -29.00 -0.66
N HIS A 74 2.32 -28.04 -1.58
CA HIS A 74 2.61 -26.66 -1.20
C HIS A 74 1.34 -25.83 -1.40
N VAL A 75 0.34 -26.07 -0.54
CA VAL A 75 -0.93 -25.36 -0.62
C VAL A 75 -0.75 -23.90 -0.20
N LEU A 76 -1.25 -22.96 -1.02
CA LEU A 76 -1.19 -21.54 -0.71
C LEU A 76 -2.60 -21.02 -0.49
N LEU A 77 -2.84 -20.40 0.65
CA LEU A 77 -4.15 -19.84 0.97
C LEU A 77 -4.03 -18.32 0.95
N THR A 78 -4.95 -17.65 0.26
CA THR A 78 -4.93 -16.19 0.19
C THR A 78 -6.30 -15.64 0.52
N HIS A 79 -6.32 -14.44 1.07
CA HIS A 79 -7.55 -13.73 1.40
C HIS A 79 -7.24 -12.27 1.10
N THR A 80 -8.08 -11.62 0.31
CA THR A 80 -7.85 -10.26 -0.13
C THR A 80 -9.11 -9.40 0.00
N ILE A 81 -8.96 -8.11 0.29
CA ILE A 81 -10.04 -7.15 0.30
C ILE A 81 -9.64 -6.11 -0.75
N SER A 82 -10.42 -5.96 -1.81
CA SER A 82 -10.13 -5.03 -2.89
C SER A 82 -11.12 -3.89 -2.95
N ARG A 83 -10.73 -2.83 -3.63
CA ARG A 83 -11.56 -1.67 -3.78
C ARG A 83 -11.64 -1.34 -5.28
N ILE A 84 -12.84 -1.08 -5.77
CA ILE A 84 -13.06 -0.65 -7.13
C ILE A 84 -13.69 0.73 -7.04
N ALA A 85 -13.00 1.77 -7.52
CA ALA A 85 -13.52 3.14 -7.47
C ALA A 85 -14.33 3.48 -8.73
N VAL A 86 -15.17 4.55 -8.69
CA VAL A 86 -15.90 5.02 -9.88
C VAL A 86 -14.89 5.65 -10.87
N THR A 90 -10.49 2.12 -11.33
CA THR A 90 -9.34 2.08 -10.44
C THR A 90 -9.53 0.94 -9.44
N LYS A 91 -8.81 -0.14 -9.64
CA LYS A 91 -8.85 -1.28 -8.75
C LYS A 91 -7.60 -1.22 -7.89
N VAL A 92 -7.75 -1.24 -6.55
CA VAL A 92 -6.60 -1.28 -5.65
C VAL A 92 -6.72 -2.39 -4.65
N ASN A 93 -5.58 -2.96 -4.25
CA ASN A 93 -5.56 -3.97 -3.20
C ASN A 93 -5.57 -3.19 -1.88
N LEU A 94 -6.56 -3.44 -1.00
CA LEU A 94 -6.58 -2.77 0.30
C LEU A 94 -5.88 -3.57 1.39
N LEU A 95 -6.23 -4.86 1.57
CA LEU A 95 -5.69 -5.77 2.58
C LEU A 95 -5.48 -7.14 1.95
N SER A 96 -4.41 -7.83 2.29
CA SER A 96 -4.14 -9.14 1.73
C SER A 96 -3.24 -9.96 2.65
N ALA A 97 -3.44 -11.28 2.63
CA ALA A 97 -2.62 -12.18 3.43
C ALA A 97 -2.46 -13.50 2.73
N ILE A 98 -1.31 -14.10 2.90
CA ILE A 98 -0.99 -15.41 2.34
C ILE A 98 -0.57 -16.32 3.50
N LYS A 99 -0.99 -17.58 3.44
CA LYS A 99 -0.66 -18.56 4.46
C LYS A 99 -0.31 -19.89 3.80
N SER A 100 0.69 -20.58 4.36
CA SER A 100 1.12 -21.90 3.89
C SER A 100 0.86 -22.88 5.03
N PRO A 101 -0.28 -23.57 5.02
CA PRO A 101 -0.58 -24.48 6.13
C PRO A 101 0.25 -25.76 6.17
N CYS A 102 0.89 -26.12 5.04
CA CYS A 102 1.61 -27.38 4.98
C CYS A 102 3.12 -27.27 5.12
N GLN A 103 3.60 -27.69 6.29
CA GLN A 103 5.02 -27.77 6.60
C GLN A 103 5.54 -29.02 5.86
N ARG A 104 4.86 -30.17 6.06
CA ARG A 104 5.23 -31.43 5.42
C ARG A 104 4.09 -31.98 4.55
N ALA A 112 -3.72 -39.31 9.08
CA ALA A 112 -3.91 -37.88 8.83
C ALA A 112 -3.87 -37.06 10.13
N LYS A 113 -3.59 -35.74 10.01
CA LYS A 113 -3.51 -34.79 11.11
C LYS A 113 -4.16 -33.49 10.62
N PRO A 114 -5.42 -33.23 11.00
CA PRO A 114 -6.09 -32.01 10.51
C PRO A 114 -5.43 -30.68 10.89
N TRP A 115 -5.55 -29.68 10.01
CA TRP A 115 -5.00 -28.35 10.27
C TRP A 115 -6.06 -27.25 10.18
N TYR A 116 -5.84 -26.13 10.85
CA TYR A 116 -6.75 -25.00 10.84
C TYR A 116 -5.95 -23.73 10.59
N GLU A 117 -6.43 -22.89 9.69
CA GLU A 117 -5.76 -21.63 9.34
C GLU A 117 -6.71 -20.46 9.20
N PRO A 118 -6.77 -19.59 10.20
CA PRO A 118 -7.63 -18.41 10.08
C PRO A 118 -6.88 -17.24 9.47
N ILE A 119 -7.59 -16.43 8.68
CA ILE A 119 -7.00 -15.23 8.13
C ILE A 119 -7.91 -14.07 8.49
N TYR A 120 -7.41 -13.14 9.27
CA TYR A 120 -8.17 -11.97 9.65
C TYR A 120 -7.55 -10.75 9.00
N LEU A 121 -8.36 -9.93 8.33
CA LEU A 121 -7.91 -8.71 7.70
C LEU A 121 -8.71 -7.56 8.29
N GLY A 122 -8.05 -6.48 8.65
CA GLY A 122 -8.71 -5.32 9.19
C GLY A 122 -7.91 -4.07 8.97
N GLY A 123 -8.60 -2.96 8.76
CA GLY A 123 -7.93 -1.69 8.59
C GLY A 123 -8.84 -0.53 8.33
N VAL A 124 -8.31 0.69 8.44
CA VAL A 124 -9.06 1.90 8.19
C VAL A 124 -8.66 2.51 6.83
N PHE A 125 -9.63 2.75 5.96
CA PHE A 125 -9.38 3.28 4.62
C PHE A 125 -10.32 4.38 4.27
N GLN A 126 -9.83 5.39 3.56
CA GLN A 126 -10.65 6.48 3.07
C GLN A 126 -11.35 5.94 1.82
N LEU A 127 -12.68 5.88 1.86
CA LEU A 127 -13.45 5.40 0.72
C LEU A 127 -14.31 6.51 0.12
N GLU A 128 -14.65 6.37 -1.16
CA GLU A 128 -15.50 7.35 -1.84
C GLU A 128 -16.89 6.77 -2.12
N LYS A 129 -17.87 7.64 -2.34
CA LYS A 129 -19.25 7.23 -2.66
C LYS A 129 -19.26 6.41 -3.95
N GLY A 130 -19.87 5.23 -3.90
CA GLY A 130 -19.95 4.34 -5.06
C GLY A 130 -18.87 3.28 -5.15
N ASP A 131 -17.92 3.31 -4.21
CA ASP A 131 -16.84 2.31 -4.16
C ASP A 131 -17.41 0.93 -3.92
N ARG A 132 -16.81 -0.08 -4.54
CA ARG A 132 -17.24 -1.45 -4.36
C ARG A 132 -16.11 -2.21 -3.70
N LEU A 133 -16.40 -2.88 -2.59
CA LEU A 133 -15.42 -3.65 -1.84
C LEU A 133 -15.69 -5.12 -2.01
N SER A 134 -14.65 -5.90 -2.26
CA SER A 134 -14.79 -7.35 -2.39
C SER A 134 -13.86 -8.07 -1.43
N ALA A 135 -14.31 -9.16 -0.82
CA ALA A 135 -13.47 -9.96 0.07
C ALA A 135 -13.41 -11.34 -0.57
N GLU A 136 -12.25 -11.70 -1.08
CA GLU A 136 -12.10 -12.94 -1.85
C GLU A 136 -11.02 -13.85 -1.34
N ILE A 137 -11.15 -15.15 -1.62
CA ILE A 137 -10.18 -16.19 -1.27
C ILE A 137 -9.82 -16.98 -2.54
N ASN A 138 -8.73 -17.76 -2.51
CA ASN A 138 -8.34 -18.56 -3.67
C ASN A 138 -8.77 -20.03 -3.53
N ARG A 139 -8.92 -20.54 -2.30
CA ARG A 139 -9.29 -21.93 -2.08
C ARG A 139 -10.61 -22.12 -1.31
N PRO A 140 -11.78 -21.95 -1.96
CA PRO A 140 -13.05 -22.19 -1.26
C PRO A 140 -13.30 -23.66 -0.91
N ASP A 141 -12.55 -24.59 -1.51
CA ASP A 141 -12.63 -26.01 -1.16
C ASP A 141 -12.08 -26.28 0.26
N TYR A 142 -11.26 -25.34 0.81
CA TYR A 142 -10.71 -25.43 2.15
C TYR A 142 -11.48 -24.61 3.18
N LEU A 143 -12.57 -23.89 2.78
CA LEU A 143 -13.35 -23.10 3.73
C LEU A 143 -13.99 -23.97 4.80
N ASP A 144 -14.00 -23.54 6.05
CA ASP A 144 -14.62 -24.31 7.13
C ASP A 144 -15.94 -23.68 7.55
N PHE A 145 -17.01 -24.48 7.44
CA PHE A 145 -18.36 -24.07 7.77
C PHE A 145 -19.03 -24.96 8.83
N ALA A 146 -18.25 -25.77 9.60
CA ALA A 146 -18.84 -26.65 10.62
C ALA A 146 -19.50 -25.88 11.79
N GLU A 147 -19.27 -24.56 11.86
CA GLU A 147 -19.83 -23.68 12.88
C GLU A 147 -20.08 -22.29 12.28
N SER A 148 -21.12 -21.63 12.74
CA SER A 148 -21.54 -20.30 12.37
C SER A 148 -20.57 -19.22 12.97
N GLY A 149 -20.57 -18.02 12.39
CA GLY A 149 -19.75 -16.92 12.89
C GLY A 149 -18.28 -16.97 12.58
N GLN A 150 -17.83 -17.88 11.70
CA GLN A 150 -16.41 -18.01 11.37
C GLN A 150 -15.95 -17.29 10.08
N VAL A 151 -16.87 -17.01 9.15
CA VAL A 151 -16.53 -16.39 7.89
C VAL A 151 -17.41 -15.15 7.70
N TYR A 152 -16.82 -13.94 7.74
CA TYR A 152 -17.62 -12.72 7.63
C TYR A 152 -16.87 -11.55 6.93
N PHE A 153 -17.60 -10.50 6.58
CA PHE A 153 -17.11 -9.33 5.88
C PHE A 153 -17.94 -8.16 6.39
N GLY A 154 -17.29 -7.13 6.90
CA GLY A 154 -18.01 -5.98 7.41
C GLY A 154 -17.31 -4.66 7.27
N ILE A 155 -18.09 -3.59 7.36
CA ILE A 155 -17.58 -2.24 7.27
C ILE A 155 -18.28 -1.35 8.31
N ILE A 156 -17.57 -0.37 8.86
CA ILE A 156 -18.12 0.58 9.82
C ILE A 156 -17.62 1.97 9.47
N ALA A 157 -18.51 2.91 9.15
CA ALA A 157 -18.09 4.28 8.83
C ALA A 157 -17.67 4.99 10.12
N LEU A 158 -16.55 5.72 10.12
CA LEU A 158 -16.17 6.53 11.28
C LEU A 158 -16.34 8.04 11.01
N LYS B 12 -19.96 15.84 18.68
CA LYS B 12 -19.37 14.69 19.35
C LYS B 12 -17.94 14.47 18.84
N PRO B 13 -16.94 14.85 19.63
CA PRO B 13 -15.56 14.74 19.18
C PRO B 13 -15.11 13.36 18.76
N VAL B 14 -14.21 13.32 17.80
CA VAL B 14 -13.59 12.14 17.21
C VAL B 14 -12.07 12.48 16.99
N ALA B 15 -11.22 11.49 16.82
CA ALA B 15 -9.82 11.67 16.50
C ALA B 15 -9.31 10.40 15.86
N HIS B 16 -8.64 10.53 14.73
CA HIS B 16 -8.01 9.39 14.08
C HIS B 16 -6.62 9.86 13.79
N VAL B 17 -5.63 9.25 14.43
CA VAL B 17 -4.24 9.62 14.24
C VAL B 17 -3.46 8.42 13.70
N VAL B 18 -2.40 8.69 12.93
CA VAL B 18 -1.63 7.67 12.22
C VAL B 18 -0.16 7.72 12.62
N ALA B 19 0.61 6.63 12.45
CA ALA B 19 2.02 6.66 12.82
C ALA B 19 2.84 7.51 11.81
N ASN B 20 3.84 8.24 12.33
CA ASN B 20 4.72 9.04 11.48
C ASN B 20 5.77 8.10 10.93
N PRO B 21 5.77 7.85 9.62
CA PRO B 21 6.79 6.94 9.05
C PRO B 21 8.21 7.55 9.04
N GLN B 22 8.32 8.89 9.16
CA GLN B 22 9.62 9.57 9.17
C GLN B 22 10.23 9.67 10.58
N ALA B 23 9.46 9.37 11.64
CA ALA B 23 10.00 9.40 13.01
C ALA B 23 10.32 7.95 13.44
N GLU B 24 10.92 7.16 12.53
CA GLU B 24 11.26 5.75 12.75
C GLU B 24 12.14 5.53 13.98
N GLY B 25 11.89 4.41 14.66
CA GLY B 25 12.53 4.06 15.93
C GLY B 25 11.69 4.43 17.15
N GLN B 26 10.47 4.95 16.91
CA GLN B 26 9.52 5.38 17.92
C GLN B 26 8.16 5.43 17.27
N LEU B 27 7.15 5.02 18.02
CA LEU B 27 5.79 5.11 17.52
C LEU B 27 5.28 6.50 17.87
N GLN B 28 5.40 7.45 16.93
CA GLN B 28 4.92 8.82 17.13
C GLN B 28 3.66 8.99 16.33
N TRP B 29 2.65 9.63 16.89
CA TRP B 29 1.38 9.82 16.22
C TRP B 29 1.25 11.16 15.56
N LEU B 30 0.60 11.16 14.41
CA LEU B 30 0.35 12.32 13.57
C LEU B 30 -1.13 12.51 13.39
N ASN B 31 -1.61 13.74 13.62
CA ASN B 31 -3.00 14.08 13.33
C ASN B 31 -3.04 14.77 11.92
N ARG B 32 -4.20 15.32 11.50
CA ARG B 32 -4.37 16.00 10.23
C ARG B 32 -3.98 17.47 10.36
N ASN B 40 -12.27 15.81 14.66
CA ASN B 40 -13.13 16.73 15.41
C ASN B 40 -12.29 17.49 16.51
N GLY B 41 -12.85 17.72 17.70
CA GLY B 41 -12.15 18.46 18.75
C GLY B 41 -11.26 17.70 19.73
N VAL B 42 -10.86 16.45 19.43
CA VAL B 42 -9.97 15.70 20.35
C VAL B 42 -8.51 16.10 20.10
N GLU B 43 -7.76 16.53 21.16
CA GLU B 43 -6.41 17.02 20.91
C GLU B 43 -5.33 15.95 20.98
N LEU B 44 -4.25 16.15 20.24
CA LEU B 44 -3.10 15.28 20.27
C LEU B 44 -1.96 16.11 20.87
N ARG B 45 -1.62 15.84 22.14
CA ARG B 45 -0.57 16.56 22.84
C ARG B 45 0.39 15.57 23.45
N ASP B 46 1.70 15.76 23.19
CA ASP B 46 2.76 14.94 23.78
C ASP B 46 2.57 13.46 23.45
N ASN B 47 2.20 13.13 22.19
CA ASN B 47 1.95 11.78 21.69
C ASN B 47 0.72 11.10 22.31
N GLN B 48 -0.17 11.87 22.94
CA GLN B 48 -1.34 11.34 23.60
C GLN B 48 -2.63 12.01 23.15
N LEU B 49 -3.74 11.28 23.21
CA LEU B 49 -5.03 11.85 22.88
C LEU B 49 -5.58 12.44 24.18
N VAL B 50 -6.04 13.70 24.14
CA VAL B 50 -6.54 14.35 25.34
C VAL B 50 -8.04 14.42 25.25
N VAL B 51 -8.73 13.89 26.26
CA VAL B 51 -10.19 13.87 26.29
C VAL B 51 -10.73 15.27 26.58
N PRO B 52 -11.60 15.79 25.71
CA PRO B 52 -12.10 17.17 25.91
C PRO B 52 -13.21 17.32 26.93
N SER B 53 -14.03 16.29 27.09
CA SER B 53 -15.16 16.38 28.00
C SER B 53 -15.53 15.04 28.60
N GLU B 54 -16.18 15.09 29.76
CA GLU B 54 -16.63 13.90 30.47
C GLU B 54 -17.72 13.24 29.62
N GLY B 55 -17.70 11.93 29.58
CA GLY B 55 -18.63 11.17 28.76
C GLY B 55 -17.99 9.84 28.41
N LEU B 56 -18.62 9.05 27.49
CA LEU B 56 -18.23 7.67 27.04
C LEU B 56 -17.43 7.65 25.73
N TYR B 57 -16.46 6.71 25.50
CA TYR B 57 -15.65 6.76 24.29
C TYR B 57 -15.18 5.40 23.79
N LEU B 58 -15.17 5.24 22.46
CA LEU B 58 -14.63 4.00 21.90
C LEU B 58 -13.16 4.33 21.63
N ILE B 59 -12.29 3.48 22.08
CA ILE B 59 -10.87 3.68 21.83
C ILE B 59 -10.44 2.49 21.09
N TYR B 60 -9.78 2.73 19.97
CA TYR B 60 -9.33 1.65 19.14
C TYR B 60 -7.92 1.94 18.62
N SER B 61 -7.32 0.95 18.00
CA SER B 61 -6.01 1.12 17.42
C SER B 61 -5.57 -0.15 16.69
N GLN B 62 -4.54 -0.01 15.88
CA GLN B 62 -3.93 -1.15 15.24
C GLN B 62 -2.46 -0.85 15.03
N VAL B 63 -1.61 -1.84 15.21
CA VAL B 63 -0.19 -1.73 14.91
C VAL B 63 0.18 -2.94 14.09
N LEU B 64 1.21 -2.79 13.28
CA LEU B 64 1.63 -3.85 12.41
C LEU B 64 3.10 -4.13 12.62
N PHE B 65 3.45 -5.39 12.92
CA PHE B 65 4.84 -5.76 13.10
C PHE B 65 5.27 -6.68 11.98
N LYS B 66 6.56 -6.66 11.66
CA LYS B 66 7.11 -7.57 10.66
C LYS B 66 8.59 -7.89 10.98
N GLY B 67 9.14 -8.94 10.36
CA GLY B 67 10.52 -9.32 10.58
C GLY B 67 11.03 -10.24 9.48
N GLN B 68 12.33 -10.23 9.20
CA GLN B 68 12.88 -11.08 8.15
C GLN B 68 13.13 -12.55 8.59
N GLY B 69 12.94 -12.85 9.86
CA GLY B 69 13.18 -14.17 10.41
C GLY B 69 13.07 -14.19 11.93
N CYS B 70 13.66 -15.20 12.58
CA CYS B 70 13.62 -15.34 14.03
C CYS B 70 15.01 -15.40 14.68
N PRO B 71 15.19 -14.78 15.85
CA PRO B 71 16.50 -14.81 16.51
C PRO B 71 16.53 -15.71 17.77
N SER B 72 17.75 -16.00 18.33
CA SER B 72 17.85 -16.79 19.57
C SER B 72 16.93 -16.23 20.72
N THR B 73 17.03 -14.92 21.02
CA THR B 73 16.19 -14.30 22.05
C THR B 73 14.75 -14.34 21.58
N HIS B 74 13.86 -14.84 22.43
CA HIS B 74 12.44 -15.00 22.13
C HIS B 74 11.78 -13.64 21.98
N VAL B 75 11.28 -13.36 20.76
CA VAL B 75 10.64 -12.07 20.50
C VAL B 75 9.20 -11.97 21.02
N LEU B 76 8.95 -10.98 21.87
CA LEU B 76 7.63 -10.69 22.40
C LEU B 76 7.19 -9.34 21.89
N LEU B 77 6.04 -9.27 21.25
CA LEU B 77 5.48 -8.03 20.74
C LEU B 77 4.31 -7.64 21.57
N THR B 78 4.23 -6.40 22.05
CA THR B 78 3.13 -5.93 22.86
C THR B 78 2.57 -4.63 22.28
N HIS B 79 1.29 -4.36 22.55
CA HIS B 79 0.62 -3.15 22.13
C HIS B 79 -0.35 -2.86 23.23
N THR B 80 -0.34 -1.62 23.76
CA THR B 80 -1.16 -1.28 24.91
C THR B 80 -1.79 0.14 24.77
N ILE B 81 -3.01 0.32 25.21
CA ILE B 81 -3.68 1.62 25.23
C ILE B 81 -3.88 1.95 26.69
N SER B 82 -3.24 3.02 27.20
CA SER B 82 -3.30 3.37 28.61
C SER B 82 -4.10 4.64 28.86
N ARG B 83 -4.56 4.83 30.10
CA ARG B 83 -5.28 6.02 30.51
C ARG B 83 -4.50 6.66 31.66
N ILE B 84 -4.31 7.99 31.59
CA ILE B 84 -3.71 8.75 32.66
C ILE B 84 -4.83 9.67 33.08
N ALA B 85 -5.55 9.21 34.11
CA ALA B 85 -6.71 9.91 34.65
C ALA B 85 -6.24 11.24 35.24
N VAL B 86 -6.95 12.34 34.95
CA VAL B 86 -6.54 13.66 35.40
C VAL B 86 -6.65 13.83 36.91
N SER B 87 -7.61 13.16 37.56
CA SER B 87 -7.82 13.34 38.99
C SER B 87 -6.83 12.56 39.87
N TYR B 88 -6.02 11.64 39.29
CA TYR B 88 -5.09 10.87 40.08
C TYR B 88 -3.66 10.78 39.43
N GLN B 89 -3.51 11.13 38.15
CA GLN B 89 -2.22 11.19 37.44
C GLN B 89 -1.38 9.88 37.43
N THR B 90 -2.03 8.71 37.33
CA THR B 90 -1.29 7.44 37.19
C THR B 90 -1.65 6.77 35.86
N LYS B 91 -0.80 5.85 35.38
CA LYS B 91 -0.99 5.20 34.10
C LYS B 91 -1.55 3.76 34.23
N VAL B 92 -2.77 3.53 33.73
CA VAL B 92 -3.40 2.22 33.82
C VAL B 92 -3.75 1.66 32.44
N ASN B 93 -3.42 0.39 32.17
CA ASN B 93 -3.85 -0.26 30.94
C ASN B 93 -5.40 -0.27 30.79
N LEU B 94 -5.84 0.14 29.60
CA LEU B 94 -7.20 0.07 29.13
C LEU B 94 -7.36 -1.15 28.22
N LEU B 95 -6.25 -1.56 27.35
CA LEU B 95 -6.31 -2.69 26.43
C LEU B 95 -4.91 -3.13 26.11
N SER B 96 -4.68 -4.40 26.06
CA SER B 96 -3.29 -4.86 25.87
C SER B 96 -3.27 -6.20 25.24
N ALA B 97 -2.28 -6.46 24.41
CA ALA B 97 -2.16 -7.74 23.78
C ALA B 97 -0.72 -8.08 23.56
N ILE B 98 -0.41 -9.37 23.62
CA ILE B 98 0.95 -9.85 23.39
C ILE B 98 0.91 -10.86 22.25
N LYS B 99 1.98 -10.91 21.45
CA LYS B 99 2.09 -11.86 20.36
C LYS B 99 3.53 -12.39 20.31
N SER B 100 3.70 -13.65 19.95
CA SER B 100 5.02 -14.28 19.84
C SER B 100 5.15 -14.75 18.41
N PRO B 101 5.77 -13.94 17.54
CA PRO B 101 5.87 -14.31 16.13
C PRO B 101 6.78 -15.50 15.83
N CYS B 102 7.49 -16.01 16.85
CA CYS B 102 8.37 -17.15 16.68
C CYS B 102 8.06 -18.21 17.74
N PRO B 114 9.95 -14.61 6.10
CA PRO B 114 9.51 -13.37 6.72
C PRO B 114 8.14 -13.52 7.37
N TRP B 115 7.91 -12.77 8.46
CA TRP B 115 6.65 -12.85 9.18
C TRP B 115 5.96 -11.50 9.32
N TYR B 116 4.63 -11.51 9.50
CA TYR B 116 3.83 -10.31 9.69
C TYR B 116 2.86 -10.55 10.85
N GLU B 117 2.77 -9.61 11.79
CA GLU B 117 1.93 -9.76 12.98
C GLU B 117 1.14 -8.50 13.33
N PRO B 118 -0.16 -8.48 13.06
CA PRO B 118 -0.97 -7.31 13.42
C PRO B 118 -1.60 -7.46 14.81
N ILE B 119 -1.80 -6.35 15.51
CA ILE B 119 -2.46 -6.35 16.80
C ILE B 119 -3.53 -5.27 16.80
N TYR B 120 -4.78 -5.63 17.16
CA TYR B 120 -6.00 -4.81 17.17
C TYR B 120 -6.47 -4.57 18.60
N LEU B 121 -7.16 -3.44 18.89
CA LEU B 121 -7.69 -3.17 20.23
C LEU B 121 -8.87 -2.26 20.03
N GLY B 122 -9.81 -2.26 20.97
CA GLY B 122 -10.94 -1.37 20.89
C GLY B 122 -11.92 -1.71 22.00
N GLY B 123 -12.46 -0.67 22.67
CA GLY B 123 -13.46 -0.85 23.69
C GLY B 123 -14.07 0.46 24.13
N VAL B 124 -15.23 0.41 24.75
CA VAL B 124 -15.87 1.61 25.26
C VAL B 124 -15.45 1.84 26.73
N PHE B 125 -14.91 3.01 27.06
CA PHE B 125 -14.49 3.34 28.41
C PHE B 125 -15.25 4.70 28.81
N GLN B 126 -15.62 4.94 30.07
CA GLN B 126 -16.16 6.30 30.47
C GLN B 126 -14.86 7.04 30.81
N LEU B 127 -14.72 8.28 30.34
CA LEU B 127 -13.49 9.04 30.54
C LEU B 127 -13.83 10.39 31.05
N GLU B 128 -12.87 11.06 31.71
CA GLU B 128 -13.12 12.41 32.30
C GLU B 128 -12.38 13.49 31.51
N LYS B 129 -12.81 14.77 31.63
CA LYS B 129 -12.16 15.88 30.93
C LYS B 129 -10.69 16.00 31.38
N GLY B 130 -9.78 16.05 30.40
CA GLY B 130 -8.35 16.15 30.68
C GLY B 130 -7.61 14.82 30.73
N ASP B 131 -8.33 13.70 30.60
CA ASP B 131 -7.66 12.38 30.60
C ASP B 131 -6.75 12.26 29.39
N ARG B 132 -5.65 11.56 29.52
CA ARG B 132 -4.73 11.37 28.41
C ARG B 132 -4.66 9.89 28.07
N LEU B 133 -4.81 9.56 26.79
CA LEU B 133 -4.74 8.19 26.32
C LEU B 133 -3.46 8.02 25.50
N SER B 134 -2.76 6.92 25.69
CA SER B 134 -1.52 6.64 24.94
C SER B 134 -1.57 5.27 24.31
N ALA B 135 -1.06 5.11 23.10
CA ALA B 135 -1.05 3.82 22.44
C ALA B 135 0.40 3.51 22.18
N GLU B 136 0.92 2.53 22.91
CA GLU B 136 2.35 2.21 22.85
C GLU B 136 2.64 0.79 22.49
N ILE B 137 3.85 0.54 21.99
CA ILE B 137 4.38 -0.77 21.66
C ILE B 137 5.74 -0.95 22.37
N ASN B 138 6.25 -2.19 22.42
CA ASN B 138 7.55 -2.43 23.06
C ASN B 138 8.68 -2.55 22.04
N ARG B 139 8.38 -2.96 20.79
CA ARG B 139 9.40 -3.13 19.77
C ARG B 139 9.20 -2.22 18.55
N PRO B 140 9.55 -0.92 18.62
CA PRO B 140 9.41 -0.05 17.42
C PRO B 140 10.34 -0.43 16.28
N ASP B 141 11.39 -1.22 16.55
CA ASP B 141 12.29 -1.71 15.51
C ASP B 141 11.60 -2.72 14.57
N TYR B 142 10.45 -3.31 15.02
CA TYR B 142 9.66 -4.25 14.25
C TYR B 142 8.42 -3.62 13.62
N LEU B 143 8.16 -2.31 13.82
CA LEU B 143 7.01 -1.65 13.23
C LEU B 143 7.07 -1.63 11.73
N ASP B 144 5.91 -1.73 11.09
CA ASP B 144 5.75 -1.67 9.64
C ASP B 144 5.16 -0.30 9.28
N PHE B 145 5.96 0.63 8.73
CA PHE B 145 5.44 1.96 8.40
C PHE B 145 4.79 2.07 7.01
N ALA B 146 4.90 1.01 6.18
CA ALA B 146 4.33 0.99 4.83
C ALA B 146 2.79 1.03 4.82
N GLU B 147 2.15 0.44 5.85
CA GLU B 147 0.69 0.35 5.96
C GLU B 147 0.05 1.44 6.86
N SER B 148 -0.36 2.58 6.25
CA SER B 148 -1.03 3.67 6.99
C SER B 148 -2.44 3.23 7.50
N GLY B 149 -3.13 2.44 6.66
CA GLY B 149 -4.43 1.89 7.00
C GLY B 149 -4.34 0.70 7.93
N GLN B 150 -3.20 0.52 8.60
CA GLN B 150 -2.97 -0.57 9.53
C GLN B 150 -2.15 -0.16 10.76
N VAL B 151 -1.59 1.06 10.81
CA VAL B 151 -0.88 1.53 12.00
C VAL B 151 -1.56 2.84 12.37
N TYR B 152 -2.54 2.79 13.28
CA TYR B 152 -3.32 3.96 13.65
C TYR B 152 -3.80 3.86 15.10
N PHE B 153 -4.46 4.93 15.59
CA PHE B 153 -4.92 5.06 16.95
C PHE B 153 -6.02 6.10 16.92
N GLY B 154 -7.16 5.79 17.54
CA GLY B 154 -8.25 6.76 17.59
C GLY B 154 -9.23 6.55 18.70
N ILE B 155 -10.10 7.53 18.86
CA ILE B 155 -11.20 7.63 19.81
C ILE B 155 -12.44 8.24 19.12
N ILE B 156 -13.65 7.95 19.63
CA ILE B 156 -14.90 8.52 19.11
C ILE B 156 -15.80 8.69 20.32
N ALA B 157 -16.25 9.89 20.62
CA ALA B 157 -17.18 10.12 21.73
C ALA B 157 -18.51 9.52 21.35
N LEU B 158 -19.10 8.67 22.19
CA LEU B 158 -20.41 8.08 21.90
C LEU B 158 -21.56 8.86 22.58
N THR C 8 -23.54 17.11 28.29
CA THR C 8 -24.75 16.31 28.04
C THR C 8 -24.56 14.84 28.46
N PRO C 9 -25.56 14.27 29.15
CA PRO C 9 -25.42 12.87 29.62
C PRO C 9 -26.02 11.81 28.67
N SER C 10 -25.19 10.83 28.24
CA SER C 10 -25.68 9.79 27.33
C SER C 10 -26.51 8.70 28.01
N ASP C 11 -27.58 8.29 27.34
CA ASP C 11 -28.48 7.23 27.78
C ASP C 11 -28.32 5.94 26.93
N LYS C 12 -27.19 5.80 26.22
CA LYS C 12 -26.94 4.65 25.36
C LYS C 12 -26.59 3.41 26.17
N PRO C 13 -27.32 2.30 25.99
CA PRO C 13 -26.94 1.06 26.69
C PRO C 13 -25.51 0.64 26.33
N VAL C 14 -24.66 0.49 27.33
CA VAL C 14 -23.26 0.15 27.11
C VAL C 14 -22.80 -0.86 28.18
N ALA C 15 -21.83 -1.69 27.85
CA ALA C 15 -21.17 -2.56 28.79
C ALA C 15 -19.70 -2.73 28.37
N HIS C 16 -18.80 -2.92 29.31
CA HIS C 16 -17.40 -3.28 29.10
C HIS C 16 -16.99 -4.02 30.36
N VAL C 17 -17.03 -5.33 30.33
CA VAL C 17 -16.72 -6.17 31.47
C VAL C 17 -15.36 -6.83 31.27
N VAL C 18 -14.70 -7.12 32.39
CA VAL C 18 -13.35 -7.68 32.38
C VAL C 18 -13.31 -9.03 33.09
N ALA C 19 -12.33 -9.86 32.72
CA ALA C 19 -12.26 -11.19 33.29
C ALA C 19 -11.69 -11.18 34.67
N ASN C 20 -12.19 -12.09 35.52
CA ASN C 20 -11.69 -12.23 36.88
C ASN C 20 -10.43 -13.08 36.78
N PRO C 21 -9.26 -12.51 37.12
CA PRO C 21 -8.02 -13.30 37.02
C PRO C 21 -7.91 -14.45 38.05
N GLN C 22 -8.79 -14.46 39.07
CA GLN C 22 -8.75 -15.50 40.08
C GLN C 22 -9.90 -16.50 39.99
N ALA C 23 -10.41 -16.73 38.77
CA ALA C 23 -11.49 -17.69 38.59
C ALA C 23 -11.01 -18.95 37.85
N GLU C 24 -10.78 -20.01 38.64
CA GLU C 24 -10.33 -21.34 38.21
C GLU C 24 -11.24 -21.95 37.12
N GLY C 25 -10.60 -22.43 36.06
CA GLY C 25 -11.22 -23.13 34.94
C GLY C 25 -12.36 -22.41 34.27
N GLN C 26 -12.36 -21.05 34.32
CA GLN C 26 -13.41 -20.30 33.69
C GLN C 26 -13.09 -18.84 33.41
N LEU C 27 -13.74 -18.32 32.38
CA LEU C 27 -13.69 -16.95 31.97
C LEU C 27 -14.93 -16.27 32.56
N GLN C 28 -14.79 -15.65 33.75
CA GLN C 28 -15.87 -14.99 34.46
C GLN C 28 -15.79 -13.49 34.30
N TRP C 29 -16.84 -12.85 33.80
CA TRP C 29 -16.94 -11.42 33.55
C TRP C 29 -17.38 -10.63 34.76
N LEU C 30 -16.69 -9.51 35.05
CA LEU C 30 -16.97 -8.63 36.16
C LEU C 30 -17.18 -7.20 35.68
N ASN C 31 -18.11 -6.46 36.31
CA ASN C 31 -18.25 -5.02 36.01
C ASN C 31 -17.72 -4.16 37.16
N ARG C 32 -17.60 -4.70 38.38
CA ARG C 32 -17.15 -3.96 39.55
C ARG C 32 -15.63 -3.96 39.61
N ARG C 33 -15.02 -3.34 38.63
CA ARG C 33 -13.58 -3.18 38.56
C ARG C 33 -13.29 -1.78 37.95
N ALA C 34 -12.01 -1.33 38.04
CA ALA C 34 -11.60 -0.07 37.45
C ALA C 34 -11.75 -0.19 35.94
N ASN C 35 -12.23 0.88 35.30
CA ASN C 35 -12.35 0.94 33.85
C ASN C 35 -13.21 -0.19 33.25
N ALA C 36 -14.26 -0.54 33.97
CA ALA C 36 -15.25 -1.53 33.54
C ALA C 36 -16.60 -0.87 33.81
N LEU C 37 -17.64 -1.23 33.04
CA LEU C 37 -18.96 -0.67 33.30
C LEU C 37 -20.13 -1.50 32.76
N LEU C 38 -21.31 -1.25 33.31
CA LEU C 38 -22.61 -1.81 32.95
C LEU C 38 -23.52 -0.61 33.10
N ALA C 39 -24.01 -0.02 32.00
CA ALA C 39 -24.81 1.19 32.11
C ALA C 39 -26.02 1.19 31.19
N ASN C 40 -27.03 2.02 31.53
CA ASN C 40 -28.22 2.31 30.77
C ASN C 40 -29.05 1.10 30.39
N GLY C 41 -29.30 0.24 31.37
CA GLY C 41 -30.15 -0.93 31.19
C GLY C 41 -29.46 -2.26 31.01
N VAL C 42 -28.18 -2.26 30.61
CA VAL C 42 -27.44 -3.51 30.42
C VAL C 42 -27.19 -4.18 31.74
N GLU C 43 -27.41 -5.47 31.79
CA GLU C 43 -27.21 -6.25 32.99
C GLU C 43 -26.26 -7.40 32.71
N LEU C 44 -25.62 -7.92 33.76
CA LEU C 44 -24.74 -9.08 33.66
C LEU C 44 -25.37 -10.15 34.52
N ARG C 45 -25.94 -11.18 33.88
CA ARG C 45 -26.66 -12.23 34.57
C ARG C 45 -26.19 -13.60 34.09
N ASP C 46 -25.79 -14.49 35.01
CA ASP C 46 -25.26 -15.82 34.69
C ASP C 46 -24.15 -15.78 33.64
N ASN C 47 -23.19 -14.84 33.83
CA ASN C 47 -22.04 -14.59 32.98
C ASN C 47 -22.41 -14.10 31.57
N GLN C 48 -23.63 -13.56 31.40
CA GLN C 48 -24.09 -13.08 30.11
C GLN C 48 -24.51 -11.61 30.14
N LEU C 49 -24.32 -10.87 29.03
CA LEU C 49 -24.79 -9.49 28.94
C LEU C 49 -26.24 -9.53 28.45
N VAL C 50 -27.16 -8.88 29.15
CA VAL C 50 -28.58 -8.88 28.75
C VAL C 50 -28.91 -7.54 28.11
N VAL C 51 -29.42 -7.58 26.87
CA VAL C 51 -29.73 -6.39 26.09
C VAL C 51 -31.03 -5.74 26.58
N PRO C 52 -30.99 -4.46 26.94
CA PRO C 52 -32.22 -3.81 27.45
C PRO C 52 -33.23 -3.35 26.41
N SER C 53 -32.79 -3.02 25.20
CA SER C 53 -33.66 -2.50 24.16
C SER C 53 -33.22 -2.89 22.76
N GLU C 54 -34.15 -2.89 21.83
CA GLU C 54 -33.89 -3.22 20.46
C GLU C 54 -32.99 -2.12 19.79
N GLY C 55 -32.15 -2.54 18.84
CA GLY C 55 -31.35 -1.61 18.07
C GLY C 55 -30.06 -2.21 17.54
N LEU C 56 -29.26 -1.40 16.85
CA LEU C 56 -27.96 -1.84 16.34
C LEU C 56 -26.96 -1.69 17.45
N TYR C 57 -26.10 -2.70 17.65
CA TYR C 57 -25.10 -2.66 18.68
C TYR C 57 -23.76 -3.10 18.11
N LEU C 58 -22.71 -2.48 18.60
CA LEU C 58 -21.36 -2.89 18.29
C LEU C 58 -21.02 -3.89 19.43
N ILE C 59 -20.56 -5.09 19.07
CA ILE C 59 -20.21 -6.13 20.03
C ILE C 59 -18.76 -6.49 19.81
N TYR C 60 -18.00 -6.62 20.89
CA TYR C 60 -16.58 -6.91 20.79
C TYR C 60 -16.10 -7.73 21.98
N SER C 61 -15.02 -8.49 21.76
CA SER C 61 -14.39 -9.23 22.84
C SER C 61 -12.95 -9.59 22.52
N GLN C 62 -12.11 -9.58 23.53
CA GLN C 62 -10.73 -9.98 23.42
C GLN C 62 -10.38 -10.92 24.55
N VAL C 63 -9.68 -12.00 24.21
CA VAL C 63 -9.07 -12.94 25.11
C VAL C 63 -7.59 -13.04 24.76
N LEU C 64 -6.78 -13.38 25.76
CA LEU C 64 -5.36 -13.60 25.53
C LEU C 64 -4.99 -14.98 26.07
N PHE C 65 -4.47 -15.84 25.21
CA PHE C 65 -4.01 -17.17 25.61
C PHE C 65 -2.49 -17.17 25.69
N LYS C 66 -1.93 -18.01 26.57
CA LYS C 66 -0.50 -18.14 26.73
C LYS C 66 -0.18 -19.54 27.21
N GLY C 67 0.86 -20.12 26.65
CA GLY C 67 1.34 -21.45 27.06
C GLY C 67 2.84 -21.44 27.28
N GLN C 68 3.38 -22.27 28.17
CA GLN C 68 4.83 -22.26 28.43
C GLN C 68 5.69 -23.01 27.38
N GLY C 69 5.03 -23.59 26.37
CA GLY C 69 5.69 -24.32 25.30
C GLY C 69 4.70 -25.15 24.50
N CYS C 70 5.21 -26.11 23.72
CA CYS C 70 4.34 -26.95 22.92
C CYS C 70 4.39 -28.42 23.34
N PRO C 71 3.23 -28.99 23.69
CA PRO C 71 3.21 -30.40 24.14
C PRO C 71 3.01 -31.37 22.99
N HIS C 74 -2.66 -32.13 20.27
CA HIS C 74 -2.62 -30.82 19.61
C HIS C 74 -3.58 -29.85 20.29
N VAL C 75 -3.23 -28.56 20.31
CA VAL C 75 -4.03 -27.56 21.01
C VAL C 75 -4.84 -26.65 20.07
N LEU C 76 -6.16 -26.64 20.28
CA LEU C 76 -7.06 -25.76 19.56
C LEU C 76 -7.66 -24.75 20.51
N LEU C 77 -7.54 -23.48 20.19
CA LEU C 77 -8.09 -22.41 21.02
C LEU C 77 -9.25 -21.80 20.26
N THR C 78 -10.38 -21.61 20.93
CA THR C 78 -11.56 -21.00 20.33
C THR C 78 -12.06 -19.88 21.21
N HIS C 79 -12.66 -18.89 20.60
CA HIS C 79 -13.26 -17.76 21.30
C HIS C 79 -14.52 -17.44 20.49
N THR C 80 -15.67 -17.39 21.16
CA THR C 80 -16.95 -17.21 20.50
C THR C 80 -17.84 -16.18 21.21
N ILE C 81 -18.56 -15.35 20.47
CA ILE C 81 -19.56 -14.45 21.03
C ILE C 81 -20.90 -14.99 20.52
N SER C 82 -21.81 -15.36 21.41
CA SER C 82 -23.07 -15.97 21.04
C SER C 82 -24.25 -15.12 21.43
N ARG C 83 -25.39 -15.38 20.79
CA ARG C 83 -26.61 -14.68 21.07
C ARG C 83 -27.69 -15.70 21.38
N ILE C 84 -28.47 -15.45 22.42
CA ILE C 84 -29.66 -16.25 22.73
C ILE C 84 -30.84 -15.27 22.72
N ALA C 85 -31.83 -15.46 21.86
CA ALA C 85 -32.98 -14.53 21.85
C ALA C 85 -34.07 -14.93 22.85
N VAL C 86 -34.95 -13.98 23.24
CA VAL C 86 -36.03 -14.28 24.21
C VAL C 86 -36.91 -15.46 23.72
N SER C 87 -37.23 -16.38 24.65
CA SER C 87 -37.98 -17.63 24.43
C SER C 87 -37.14 -18.72 23.74
N TYR C 88 -35.86 -18.44 23.45
CA TYR C 88 -34.92 -19.40 22.91
C TYR C 88 -33.97 -19.85 24.03
N GLN C 89 -33.30 -20.97 23.83
CA GLN C 89 -32.42 -21.56 24.83
C GLN C 89 -31.01 -21.74 24.32
N THR C 90 -30.82 -21.93 23.01
CA THR C 90 -29.49 -22.22 22.49
C THR C 90 -28.81 -21.05 21.86
N LYS C 91 -27.51 -21.04 22.09
CA LYS C 91 -26.61 -20.02 21.58
C LYS C 91 -26.39 -20.20 20.10
N VAL C 92 -26.55 -19.13 19.36
CA VAL C 92 -26.17 -19.05 17.96
C VAL C 92 -24.94 -18.14 17.89
N ASN C 93 -23.87 -18.64 17.29
CA ASN C 93 -22.63 -17.92 17.15
C ASN C 93 -22.82 -16.65 16.32
N LEU C 94 -22.34 -15.51 16.83
CA LEU C 94 -22.35 -14.26 16.09
C LEU C 94 -20.94 -14.07 15.54
N LEU C 95 -19.90 -14.26 16.38
CA LEU C 95 -18.49 -14.13 16.01
C LEU C 95 -17.73 -15.30 16.58
N SER C 96 -16.78 -15.88 15.84
CA SER C 96 -16.03 -17.05 16.34
C SER C 96 -14.71 -17.18 15.63
N ALA C 97 -13.68 -17.59 16.37
CA ALA C 97 -12.36 -17.76 15.81
C ALA C 97 -11.65 -18.94 16.40
N ILE C 98 -10.85 -19.61 15.58
CA ILE C 98 -10.05 -20.74 16.02
C ILE C 98 -8.58 -20.45 15.77
N LYS C 99 -7.70 -20.81 16.70
CA LYS C 99 -6.27 -20.62 16.57
C LYS C 99 -5.53 -21.89 17.01
N SER C 100 -4.44 -22.22 16.32
CA SER C 100 -3.59 -23.36 16.64
C SER C 100 -2.23 -22.77 16.97
N PRO C 101 -1.93 -22.58 18.26
CA PRO C 101 -0.66 -21.96 18.63
C PRO C 101 0.58 -22.82 18.42
N CYS C 102 0.41 -24.13 18.30
CA CYS C 102 1.54 -25.04 18.17
C CYS C 102 1.57 -25.76 16.82
N GLN C 103 2.30 -25.20 15.86
CA GLN C 103 2.41 -25.81 14.53
C GLN C 103 3.70 -26.60 14.40
N ALA C 112 11.77 -24.81 25.73
CA ALA C 112 10.34 -24.52 25.79
C ALA C 112 10.10 -23.02 25.89
N LYS C 113 9.93 -22.34 24.74
CA LYS C 113 9.69 -20.90 24.72
C LYS C 113 8.19 -20.57 24.84
N PRO C 114 7.84 -19.61 25.71
CA PRO C 114 6.41 -19.27 25.90
C PRO C 114 5.69 -18.63 24.71
N TRP C 115 4.54 -19.17 24.30
CA TRP C 115 3.77 -18.59 23.20
C TRP C 115 2.63 -17.72 23.69
N TYR C 116 2.18 -16.77 22.86
CA TYR C 116 1.09 -15.87 23.19
C TYR C 116 0.14 -15.80 22.02
N GLU C 117 -1.17 -15.94 22.27
CA GLU C 117 -2.19 -15.91 21.23
C GLU C 117 -3.38 -15.06 21.58
N PRO C 118 -3.49 -13.84 21.02
CA PRO C 118 -4.68 -13.02 21.27
C PRO C 118 -5.74 -13.25 20.20
N ILE C 119 -7.01 -13.21 20.62
CA ILE C 119 -8.10 -13.35 19.67
C ILE C 119 -9.01 -12.16 19.87
N TYR C 120 -9.19 -11.36 18.84
CA TYR C 120 -10.08 -10.20 18.89
C TYR C 120 -11.29 -10.44 17.96
N LEU C 121 -12.50 -10.28 18.49
CA LEU C 121 -13.73 -10.42 17.70
C LEU C 121 -14.51 -9.11 17.78
N GLY C 122 -15.06 -8.65 16.68
CA GLY C 122 -15.84 -7.43 16.66
C GLY C 122 -16.80 -7.35 15.50
N GLY C 123 -17.91 -6.66 15.72
CA GLY C 123 -18.91 -6.49 14.67
C GLY C 123 -20.16 -5.76 15.09
N VAL C 124 -20.99 -5.38 14.12
CA VAL C 124 -22.25 -4.69 14.39
C VAL C 124 -23.41 -5.65 14.13
N PHE C 125 -24.30 -5.75 15.12
CA PHE C 125 -25.41 -6.68 15.07
C PHE C 125 -26.69 -6.04 15.52
N GLN C 126 -27.80 -6.36 14.87
CA GLN C 126 -29.11 -5.90 15.29
C GLN C 126 -29.52 -6.83 16.43
N LEU C 127 -29.74 -6.27 17.63
CA LEU C 127 -30.15 -7.07 18.78
C LEU C 127 -31.57 -6.71 19.23
N GLU C 128 -32.25 -7.64 19.89
CA GLU C 128 -33.60 -7.40 20.40
C GLU C 128 -33.59 -7.31 21.93
N LYS C 129 -34.64 -6.69 22.50
CA LYS C 129 -34.77 -6.57 23.95
C LYS C 129 -34.85 -7.96 24.60
N GLY C 130 -34.01 -8.19 25.60
CA GLY C 130 -33.95 -9.44 26.32
C GLY C 130 -32.94 -10.45 25.81
N ASP C 131 -32.22 -10.11 24.74
CA ASP C 131 -31.20 -10.98 24.17
C ASP C 131 -30.08 -11.19 25.20
N ARG C 132 -29.52 -12.39 25.24
CA ARG C 132 -28.39 -12.68 26.14
C ARG C 132 -27.17 -12.97 25.31
N LEU C 133 -26.08 -12.27 25.58
CA LEU C 133 -24.83 -12.40 24.85
C LEU C 133 -23.80 -13.04 25.74
N SER C 134 -23.05 -14.01 25.22
CA SER C 134 -22.00 -14.65 25.98
C SER C 134 -20.68 -14.57 25.20
N ALA C 135 -19.57 -14.40 25.88
CA ALA C 135 -18.24 -14.44 25.23
C ALA C 135 -17.49 -15.58 25.94
N GLU C 136 -17.29 -16.66 25.20
CA GLU C 136 -16.76 -17.90 25.75
C GLU C 136 -15.53 -18.40 25.05
N ILE C 137 -14.73 -19.21 25.76
CA ILE C 137 -13.53 -19.85 25.24
C ILE C 137 -13.62 -21.35 25.55
N ASN C 138 -12.77 -22.18 24.93
CA ASN C 138 -12.78 -23.61 25.20
C ASN C 138 -11.70 -24.04 26.20
N ARG C 139 -10.62 -23.27 26.32
CA ARG C 139 -9.51 -23.66 27.18
C ARG C 139 -9.12 -22.56 28.14
N PRO C 140 -9.88 -22.41 29.24
CA PRO C 140 -9.55 -21.40 30.27
C PRO C 140 -8.25 -21.66 31.02
N ASP C 141 -7.71 -22.90 30.91
CA ASP C 141 -6.41 -23.24 31.49
C ASP C 141 -5.25 -22.50 30.79
N TYR C 142 -5.49 -21.98 29.57
CA TYR C 142 -4.53 -21.22 28.79
C TYR C 142 -4.76 -19.71 28.86
N LEU C 143 -5.78 -19.22 29.58
CA LEU C 143 -6.04 -17.77 29.68
C LEU C 143 -4.88 -17.06 30.41
N ASP C 144 -4.49 -15.85 29.98
CA ASP C 144 -3.41 -15.06 30.61
C ASP C 144 -3.93 -13.81 31.31
N PHE C 145 -3.47 -13.55 32.54
CA PHE C 145 -3.90 -12.40 33.32
C PHE C 145 -2.75 -11.67 34.00
N ALA C 146 -1.53 -11.82 33.48
CA ALA C 146 -0.37 -11.15 34.10
C ALA C 146 -0.42 -9.61 34.00
N GLU C 147 -1.47 -9.05 33.36
CA GLU C 147 -1.64 -7.61 33.20
C GLU C 147 -3.09 -7.24 32.94
N SER C 148 -3.48 -6.00 33.26
CA SER C 148 -4.84 -5.49 33.00
C SER C 148 -5.07 -5.21 31.47
N GLY C 149 -6.34 -5.16 31.07
CA GLY C 149 -6.75 -4.94 29.70
C GLY C 149 -6.52 -6.04 28.68
N GLN C 150 -6.20 -7.28 29.12
CA GLN C 150 -5.92 -8.36 28.15
C GLN C 150 -7.16 -9.20 27.81
N VAL C 151 -8.13 -9.25 28.72
CA VAL C 151 -9.32 -10.05 28.52
C VAL C 151 -10.56 -9.19 28.78
N TYR C 152 -11.40 -8.92 27.75
CA TYR C 152 -12.58 -8.07 27.93
C TYR C 152 -13.71 -8.38 26.95
N PHE C 153 -14.86 -7.77 27.17
CA PHE C 153 -16.06 -8.03 26.42
C PHE C 153 -16.95 -6.85 26.61
N GLY C 154 -17.49 -6.36 25.51
CA GLY C 154 -18.37 -5.22 25.59
C GLY C 154 -19.34 -5.07 24.47
N ILE C 155 -20.33 -4.23 24.72
CA ILE C 155 -21.37 -3.84 23.78
C ILE C 155 -21.63 -2.33 23.92
N ILE C 156 -22.08 -1.73 22.81
CA ILE C 156 -22.47 -0.32 22.78
C ILE C 156 -23.59 -0.15 21.77
N ALA C 157 -24.67 0.39 22.24
CA ALA C 157 -25.81 0.69 21.38
C ALA C 157 -25.44 1.83 20.44
N LEU C 158 -25.69 1.67 19.15
CA LEU C 158 -25.36 2.71 18.16
C LEU C 158 -26.44 3.84 18.10
N PRO D 9 -10.92 13.54 -17.10
CA PRO D 9 -10.71 12.12 -16.80
C PRO D 9 -10.49 11.27 -18.04
N SER D 10 -9.29 10.71 -18.17
CA SER D 10 -8.92 9.90 -19.32
C SER D 10 -9.43 8.46 -19.21
N ASP D 11 -9.70 7.82 -20.35
CA ASP D 11 -10.12 6.42 -20.41
C ASP D 11 -8.99 5.50 -20.96
N LYS D 12 -7.73 5.96 -20.93
CA LYS D 12 -6.59 5.18 -21.41
C LYS D 12 -6.21 4.06 -20.44
N PRO D 13 -6.16 2.82 -20.91
CA PRO D 13 -5.70 1.72 -20.05
C PRO D 13 -4.30 1.97 -19.48
N VAL D 14 -4.19 2.02 -18.15
CA VAL D 14 -2.92 2.25 -17.45
C VAL D 14 -2.75 1.30 -16.26
N ALA D 15 -1.51 1.01 -15.93
CA ALA D 15 -1.19 0.14 -14.80
C ALA D 15 0.17 0.48 -14.23
N HIS D 16 0.31 0.30 -12.92
CA HIS D 16 1.56 0.49 -12.24
C HIS D 16 1.53 -0.38 -11.01
N VAL D 17 2.09 -1.57 -11.08
CA VAL D 17 2.10 -2.51 -9.97
C VAL D 17 3.49 -2.59 -9.35
N VAL D 18 3.54 -2.94 -8.07
CA VAL D 18 4.79 -3.01 -7.31
C VAL D 18 4.98 -4.40 -6.69
N ALA D 19 6.20 -4.72 -6.24
CA ALA D 19 6.43 -6.02 -5.60
C ALA D 19 5.66 -6.15 -4.26
N ASN D 20 5.22 -7.37 -3.90
CA ASN D 20 4.54 -7.61 -2.64
C ASN D 20 5.63 -7.93 -1.62
N PRO D 21 5.81 -7.07 -0.60
CA PRO D 21 6.84 -7.36 0.42
C PRO D 21 6.56 -8.60 1.27
N GLN D 22 5.32 -9.13 1.20
CA GLN D 22 4.93 -10.36 1.88
C GLN D 22 5.50 -11.60 1.13
N ALA D 23 5.72 -11.48 -0.18
CA ALA D 23 6.27 -12.58 -0.95
C ALA D 23 7.77 -12.40 -1.26
N GLU D 24 8.61 -12.31 -0.21
CA GLU D 24 10.06 -12.21 -0.37
C GLU D 24 10.54 -13.65 -0.67
N GLY D 25 11.16 -13.83 -1.83
CA GLY D 25 11.61 -15.14 -2.32
C GLY D 25 11.01 -15.55 -3.65
N GLN D 26 10.18 -14.65 -4.23
CA GLN D 26 9.45 -14.77 -5.49
C GLN D 26 8.97 -13.35 -5.81
N LEU D 27 9.14 -12.91 -7.05
CA LEU D 27 8.72 -11.56 -7.46
C LEU D 27 7.22 -11.52 -7.72
N GLN D 28 6.44 -11.14 -6.71
CA GLN D 28 4.99 -11.06 -6.85
C GLN D 28 4.50 -9.62 -7.11
N TRP D 29 3.82 -9.40 -8.22
CA TRP D 29 3.26 -8.11 -8.55
C TRP D 29 1.94 -7.90 -7.83
N LEU D 30 1.72 -6.67 -7.37
CA LEU D 30 0.52 -6.33 -6.64
C LEU D 30 0.21 -4.86 -6.78
N ASN D 31 -1.06 -4.52 -6.92
CA ASN D 31 -1.53 -3.15 -7.01
C ASN D 31 -1.92 -2.58 -5.62
N ARG D 32 -0.95 -2.52 -4.69
CA ARG D 32 -1.17 -2.01 -3.34
C ARG D 32 -1.69 -0.54 -3.37
N ARG D 33 -2.74 -0.24 -2.60
CA ARG D 33 -3.37 1.09 -2.54
C ARG D 33 -2.36 2.26 -2.48
N ALA D 34 -1.24 2.03 -1.80
CA ALA D 34 -0.18 3.01 -1.67
C ALA D 34 0.61 3.16 -2.97
N ASN D 35 0.04 3.95 -3.88
CA ASN D 35 0.60 4.40 -5.14
C ASN D 35 0.96 3.26 -6.12
N ALA D 36 -0.01 2.40 -6.27
CA ALA D 36 -0.02 1.32 -7.25
C ALA D 36 -1.44 1.27 -7.76
N LEU D 37 -1.62 1.01 -9.07
CA LEU D 37 -2.95 1.02 -9.65
C LEU D 37 -3.14 0.14 -10.89
N LEU D 38 -4.42 -0.10 -11.20
CA LEU D 38 -4.92 -0.84 -12.35
C LEU D 38 -6.11 -0.02 -12.77
N ALA D 39 -6.05 0.63 -13.94
CA ALA D 39 -7.16 1.46 -14.39
C ALA D 39 -7.55 1.24 -15.84
N ASN D 40 -8.81 1.57 -16.18
CA ASN D 40 -9.38 1.53 -17.53
C ASN D 40 -9.26 0.19 -18.25
N GLY D 41 -9.60 -0.89 -17.55
CA GLY D 41 -9.63 -2.22 -18.15
C GLY D 41 -8.46 -3.13 -17.85
N VAL D 42 -7.31 -2.58 -17.45
CA VAL D 42 -6.14 -3.42 -17.16
C VAL D 42 -6.42 -4.28 -15.94
N GLU D 43 -6.06 -5.55 -15.98
CA GLU D 43 -6.25 -6.45 -14.86
C GLU D 43 -4.93 -7.14 -14.48
N LEU D 44 -4.83 -7.61 -13.24
CA LEU D 44 -3.67 -8.33 -12.77
C LEU D 44 -4.17 -9.73 -12.44
N ARG D 45 -3.89 -10.71 -13.31
CA ARG D 45 -4.33 -12.08 -13.11
C ARG D 45 -3.15 -13.03 -13.22
N ASP D 46 -2.96 -13.88 -12.21
CA ASP D 46 -1.91 -14.90 -12.17
C ASP D 46 -0.53 -14.26 -12.32
N ASN D 47 -0.27 -13.16 -11.57
CA ASN D 47 0.98 -12.40 -11.57
C ASN D 47 1.29 -11.70 -12.91
N GLN D 48 0.28 -11.54 -13.77
CA GLN D 48 0.47 -10.95 -15.09
C GLN D 48 -0.49 -9.80 -15.36
N LEU D 49 -0.05 -8.83 -16.18
CA LEU D 49 -0.93 -7.72 -16.57
C LEU D 49 -1.68 -8.15 -17.82
N VAL D 50 -3.01 -7.99 -17.81
CA VAL D 50 -3.83 -8.39 -18.96
C VAL D 50 -4.27 -7.15 -19.74
N VAL D 51 -3.96 -7.13 -21.03
CA VAL D 51 -4.29 -6.03 -21.92
C VAL D 51 -5.78 -6.00 -22.27
N PRO D 52 -6.48 -4.89 -22.01
CA PRO D 52 -7.93 -4.85 -22.29
C PRO D 52 -8.31 -4.58 -23.75
N SER D 53 -7.48 -3.80 -24.45
CA SER D 53 -7.77 -3.40 -25.83
C SER D 53 -6.53 -3.43 -26.72
N GLU D 54 -6.73 -3.63 -28.03
CA GLU D 54 -5.66 -3.61 -29.03
C GLU D 54 -5.10 -2.18 -29.15
N GLY D 55 -3.80 -2.07 -29.42
CA GLY D 55 -3.15 -0.78 -29.59
C GLY D 55 -1.69 -0.76 -29.24
N LEU D 56 -1.06 0.41 -29.36
CA LEU D 56 0.34 0.55 -28.97
C LEU D 56 0.39 0.79 -27.46
N TYR D 57 1.34 0.13 -26.75
CA TYR D 57 1.48 0.28 -25.30
C TYR D 57 2.93 0.47 -24.88
N LEU D 58 3.19 1.47 -24.04
CA LEU D 58 4.51 1.67 -23.46
C LEU D 58 4.55 0.71 -22.27
N ILE D 59 5.56 -0.18 -22.21
CA ILE D 59 5.72 -1.14 -21.12
C ILE D 59 7.04 -0.83 -20.41
N TYR D 60 7.04 -0.79 -19.07
CA TYR D 60 8.26 -0.50 -18.32
C TYR D 60 8.33 -1.33 -17.02
N SER D 61 9.55 -1.67 -16.58
CA SER D 61 9.74 -2.45 -15.37
C SER D 61 11.14 -2.23 -14.80
N GLN D 62 11.23 -1.80 -13.53
CA GLN D 62 12.49 -1.59 -12.85
C GLN D 62 12.64 -2.58 -11.70
N VAL D 63 13.86 -3.07 -11.48
CA VAL D 63 14.14 -4.00 -10.39
C VAL D 63 15.54 -3.74 -9.86
N LEU D 64 15.66 -3.45 -8.55
CA LEU D 64 16.95 -3.19 -7.94
C LEU D 64 17.44 -4.43 -7.17
N PHE D 65 18.68 -4.85 -7.44
CA PHE D 65 19.26 -6.02 -6.78
C PHE D 65 20.28 -5.61 -5.72
N LYS D 66 19.98 -5.87 -4.44
CA LYS D 66 20.92 -5.56 -3.35
C LYS D 66 21.86 -6.75 -3.10
N GLY D 67 22.96 -6.52 -2.40
CA GLY D 67 23.93 -7.56 -2.10
C GLY D 67 24.82 -7.25 -0.92
N GLN D 68 25.17 -8.26 -0.12
CA GLN D 68 26.01 -8.07 1.05
C GLN D 68 27.38 -8.71 0.85
N GLY D 69 28.07 -8.28 -0.20
CA GLY D 69 29.39 -8.80 -0.52
C GLY D 69 29.30 -9.96 -1.50
N CYS D 70 30.19 -9.99 -2.49
CA CYS D 70 30.19 -11.06 -3.48
C CYS D 70 30.74 -12.38 -2.93
N VAL D 75 28.00 -14.49 -10.55
CA VAL D 75 26.56 -14.29 -10.41
C VAL D 75 25.98 -13.59 -11.64
N LEU D 76 24.91 -14.18 -12.23
CA LEU D 76 24.25 -13.58 -13.39
C LEU D 76 22.84 -13.18 -12.98
N LEU D 77 22.51 -11.91 -13.21
CA LEU D 77 21.18 -11.40 -12.87
C LEU D 77 20.44 -11.10 -14.17
N THR D 78 19.21 -11.58 -14.30
CA THR D 78 18.41 -11.35 -15.50
C THR D 78 17.05 -10.78 -15.13
N HIS D 79 16.49 -10.01 -16.04
CA HIS D 79 15.16 -9.42 -15.87
C HIS D 79 14.53 -9.44 -17.26
N THR D 80 13.32 -10.00 -17.36
CA THR D 80 12.65 -10.16 -18.66
C THR D 80 11.17 -9.79 -18.62
N ILE D 81 10.68 -9.15 -19.69
CA ILE D 81 9.26 -8.84 -19.83
C ILE D 81 8.74 -9.64 -21.01
N SER D 82 7.84 -10.58 -20.76
CA SER D 82 7.33 -11.46 -21.80
C SER D 82 5.89 -11.17 -22.18
N ARG D 83 5.49 -11.65 -23.34
CA ARG D 83 4.15 -11.48 -23.84
C ARG D 83 3.58 -12.85 -24.19
N ILE D 84 2.35 -13.12 -23.75
CA ILE D 84 1.65 -14.35 -24.08
C ILE D 84 0.40 -13.93 -24.81
N ALA D 85 0.26 -14.30 -26.09
CA ALA D 85 -0.92 -13.95 -26.88
C ALA D 85 -2.03 -14.99 -26.72
N VAL D 86 -3.29 -14.61 -26.99
CA VAL D 86 -4.41 -15.55 -26.92
C VAL D 86 -4.36 -16.52 -28.10
N VAL D 92 6.86 -15.13 -25.34
CA VAL D 92 7.92 -14.52 -26.14
C VAL D 92 8.53 -13.31 -25.44
N ASN D 93 9.86 -13.27 -25.32
CA ASN D 93 10.55 -12.16 -24.70
C ASN D 93 10.34 -10.87 -25.49
N LEU D 94 9.94 -9.80 -24.83
CA LEU D 94 9.78 -8.50 -25.46
C LEU D 94 11.02 -7.68 -25.11
N LEU D 95 11.38 -7.65 -23.80
CA LEU D 95 12.53 -6.90 -23.28
C LEU D 95 13.31 -7.81 -22.34
N SER D 96 14.64 -7.76 -22.39
CA SER D 96 15.46 -8.61 -21.51
C SER D 96 16.84 -8.01 -21.30
N ALA D 97 17.38 -8.19 -20.10
CA ALA D 97 18.70 -7.66 -19.78
C ALA D 97 19.44 -8.58 -18.83
N ILE D 98 20.76 -8.63 -18.98
CA ILE D 98 21.62 -9.43 -18.11
C ILE D 98 22.66 -8.52 -17.46
N LYS D 99 22.98 -8.77 -16.20
CA LYS D 99 23.97 -7.99 -15.47
C LYS D 99 24.85 -8.90 -14.63
N SER D 100 26.14 -8.53 -14.49
CA SER D 100 27.10 -9.26 -13.68
C SER D 100 27.56 -8.33 -12.55
N PRO D 101 27.03 -8.52 -11.33
CA PRO D 101 27.34 -7.60 -10.22
C PRO D 101 28.82 -7.30 -9.95
N CYS D 102 29.63 -8.28 -9.51
CA CYS D 102 31.05 -8.01 -9.20
C CYS D 102 31.92 -7.89 -10.46
N PRO D 114 29.28 -4.16 0.08
CA PRO D 114 27.94 -4.38 -0.47
C PRO D 114 27.82 -3.99 -1.94
N TRP D 115 26.73 -4.41 -2.61
CA TRP D 115 26.56 -4.03 -4.02
C TRP D 115 25.09 -3.77 -4.41
N TYR D 116 24.91 -2.92 -5.42
CA TYR D 116 23.59 -2.59 -5.92
C TYR D 116 23.59 -2.69 -7.44
N GLU D 117 22.59 -3.35 -8.01
CA GLU D 117 22.49 -3.49 -9.47
C GLU D 117 21.07 -3.30 -9.95
N PRO D 118 20.72 -2.13 -10.51
CA PRO D 118 19.37 -1.93 -11.02
C PRO D 118 19.24 -2.33 -12.48
N ILE D 119 18.08 -2.86 -12.86
CA ILE D 119 17.81 -3.22 -14.24
C ILE D 119 16.52 -2.55 -14.66
N TYR D 120 16.61 -1.67 -15.65
CA TYR D 120 15.44 -0.97 -16.14
C TYR D 120 15.13 -1.42 -17.55
N LEU D 121 13.88 -1.80 -17.81
CA LEU D 121 13.44 -2.20 -19.14
C LEU D 121 12.29 -1.28 -19.54
N GLY D 122 12.30 -0.82 -20.77
CA GLY D 122 11.24 0.03 -21.30
C GLY D 122 11.12 -0.10 -22.81
N GLY D 123 9.90 0.03 -23.33
CA GLY D 123 9.69 -0.06 -24.76
C GLY D 123 8.25 0.09 -25.21
N VAL D 124 8.03 0.37 -26.52
CA VAL D 124 6.69 0.49 -27.07
C VAL D 124 6.39 -0.76 -27.90
N PHE D 125 5.26 -1.42 -27.62
CA PHE D 125 4.89 -2.66 -28.31
C PHE D 125 3.44 -2.64 -28.73
N GLN D 126 3.13 -3.21 -29.90
CA GLN D 126 1.76 -3.33 -30.35
C GLN D 126 1.20 -4.56 -29.64
N LEU D 127 0.16 -4.36 -28.80
CA LEU D 127 -0.44 -5.47 -28.07
C LEU D 127 -1.88 -5.72 -28.54
N GLU D 128 -2.35 -6.95 -28.37
CA GLU D 128 -3.72 -7.31 -28.72
C GLU D 128 -4.58 -7.52 -27.46
N LYS D 129 -5.91 -7.45 -27.61
CA LYS D 129 -6.82 -7.64 -26.49
C LYS D 129 -6.65 -9.07 -25.93
N GLY D 130 -6.45 -9.17 -24.61
CA GLY D 130 -6.27 -10.45 -23.94
C GLY D 130 -4.82 -10.87 -23.73
N ASP D 131 -3.87 -10.09 -24.24
CA ASP D 131 -2.45 -10.40 -24.08
C ASP D 131 -2.06 -10.33 -22.61
N ARG D 132 -1.17 -11.24 -22.18
CA ARG D 132 -0.70 -11.25 -20.81
C ARG D 132 0.76 -10.91 -20.77
N LEU D 133 1.14 -9.95 -19.94
CA LEU D 133 2.52 -9.50 -19.81
C LEU D 133 3.07 -9.92 -18.46
N SER D 134 4.28 -10.45 -18.43
CA SER D 134 4.91 -10.88 -17.19
C SER D 134 6.28 -10.26 -17.05
N ALA D 135 6.67 -9.87 -15.84
CA ALA D 135 7.99 -9.31 -15.59
C ALA D 135 8.66 -10.26 -14.59
N GLU D 136 9.68 -10.97 -15.05
CA GLU D 136 10.34 -11.97 -14.22
C GLU D 136 11.84 -11.78 -14.07
N ILE D 137 12.41 -12.32 -12.99
CA ILE D 137 13.84 -12.30 -12.69
C ILE D 137 14.32 -13.75 -12.45
N ASN D 138 15.65 -13.97 -12.45
CA ASN D 138 16.18 -15.32 -12.19
C ASN D 138 16.64 -15.49 -10.73
N ARG D 139 17.02 -14.40 -10.06
CA ARG D 139 17.51 -14.46 -8.69
C ARG D 139 16.66 -13.66 -7.70
N PRO D 140 15.49 -14.18 -7.27
CA PRO D 140 14.69 -13.44 -6.28
C PRO D 140 15.35 -13.35 -4.89
N ASP D 141 16.35 -14.19 -4.62
CA ASP D 141 17.11 -14.14 -3.36
C ASP D 141 17.95 -12.84 -3.27
N TYR D 142 18.23 -12.18 -4.42
CA TYR D 142 18.98 -10.94 -4.49
C TYR D 142 18.06 -9.71 -4.74
N LEU D 143 16.73 -9.85 -4.62
CA LEU D 143 15.81 -8.72 -4.82
C LEU D 143 15.76 -7.85 -3.58
N ASP D 144 15.67 -6.52 -3.77
CA ASP D 144 15.62 -5.60 -2.62
C ASP D 144 14.19 -5.07 -2.37
N PHE D 145 13.71 -5.24 -1.13
CA PHE D 145 12.38 -4.80 -0.72
C PHE D 145 12.39 -3.72 0.39
N ALA D 146 13.58 -3.35 0.90
CA ALA D 146 13.72 -2.42 2.03
C ALA D 146 13.37 -0.96 1.73
N GLU D 147 12.78 -0.69 0.56
CA GLU D 147 12.36 0.65 0.18
C GLU D 147 11.27 0.56 -0.86
N SER D 148 10.22 1.39 -0.74
CA SER D 148 9.15 1.39 -1.75
C SER D 148 9.54 2.24 -2.97
N GLY D 149 8.92 1.97 -4.10
CA GLY D 149 9.20 2.70 -5.33
C GLY D 149 10.40 2.22 -6.12
N GLN D 150 11.06 1.14 -5.68
CA GLN D 150 12.24 0.63 -6.39
C GLN D 150 11.93 -0.52 -7.36
N VAL D 151 10.96 -1.38 -7.02
CA VAL D 151 10.57 -2.50 -7.86
C VAL D 151 9.15 -2.32 -8.36
N TYR D 152 9.00 -2.09 -9.66
CA TYR D 152 7.70 -1.82 -10.24
C TYR D 152 7.58 -2.32 -11.69
N PHE D 153 6.36 -2.33 -12.23
CA PHE D 153 6.03 -2.83 -13.55
C PHE D 153 4.77 -2.09 -13.99
N GLY D 154 4.82 -1.41 -15.12
CA GLY D 154 3.67 -0.64 -15.59
C GLY D 154 3.49 -0.58 -17.08
N ILE D 155 2.28 -0.21 -17.49
CA ILE D 155 1.90 -0.06 -18.89
C ILE D 155 1.08 1.20 -19.09
N ILE D 156 1.25 1.85 -20.25
CA ILE D 156 0.50 3.04 -20.61
C ILE D 156 0.03 2.90 -22.05
N ALA D 157 -1.30 2.90 -22.30
CA ALA D 157 -1.81 2.82 -23.67
C ALA D 157 -1.52 4.14 -24.39
N LEU D 158 -0.97 4.08 -25.61
CA LEU D 158 -0.64 5.30 -26.35
C LEU D 158 -1.82 5.80 -27.18
N ASP E 11 -6.21 12.27 -34.67
CA ASP E 11 -6.70 13.63 -34.47
C ASP E 11 -5.58 14.56 -33.99
N LYS E 12 -4.74 14.07 -33.07
CA LYS E 12 -3.63 14.87 -32.57
C LYS E 12 -2.29 14.45 -33.20
N PRO E 13 -1.44 15.43 -33.57
CA PRO E 13 -0.14 15.11 -34.18
C PRO E 13 0.69 14.11 -33.38
N VAL E 14 1.00 12.96 -33.99
CA VAL E 14 1.77 11.91 -33.34
C VAL E 14 2.86 11.35 -34.24
N ALA E 15 3.93 10.83 -33.63
CA ALA E 15 5.03 10.23 -34.39
C ALA E 15 5.77 9.21 -33.55
N HIS E 16 6.31 8.20 -34.21
CA HIS E 16 7.11 7.16 -33.58
C HIS E 16 7.97 6.57 -34.66
N VAL E 17 9.20 7.03 -34.77
CA VAL E 17 10.12 6.53 -35.78
C VAL E 17 11.15 5.58 -35.20
N VAL E 18 11.65 4.67 -36.02
CA VAL E 18 12.58 3.64 -35.56
C VAL E 18 13.90 3.73 -36.37
N ALA E 19 14.99 3.27 -35.77
CA ALA E 19 16.28 3.31 -36.42
C ALA E 19 16.40 2.30 -37.55
N ASN E 20 17.22 2.61 -38.54
CA ASN E 20 17.47 1.71 -39.65
C ASN E 20 18.47 0.66 -39.17
N PRO E 21 18.05 -0.61 -39.11
CA PRO E 21 18.98 -1.66 -38.64
C PRO E 21 20.10 -2.00 -39.62
N GLN E 22 19.90 -1.77 -40.92
CA GLN E 22 20.89 -2.11 -41.93
C GLN E 22 21.68 -0.90 -42.43
N ALA E 23 22.14 -0.05 -41.50
CA ALA E 23 22.91 1.14 -41.86
C ALA E 23 24.41 0.90 -41.68
N LEU E 27 22.74 6.82 -36.99
CA LEU E 27 21.39 6.66 -36.46
C LEU E 27 20.36 7.33 -37.38
N GLN E 28 19.82 6.57 -38.34
CA GLN E 28 18.85 7.08 -39.30
C GLN E 28 17.43 6.64 -38.94
N TRP E 29 16.51 7.60 -38.80
CA TRP E 29 15.13 7.36 -38.43
C TRP E 29 14.25 7.11 -39.66
N LEU E 30 13.48 6.03 -39.65
CA LEU E 30 12.60 5.67 -40.76
C LEU E 30 11.12 5.58 -40.32
N ASN E 31 10.17 5.44 -41.27
CA ASN E 31 8.76 5.29 -40.90
C ASN E 31 8.11 4.08 -41.55
N ASN E 40 0.05 13.16 -37.04
CA ASN E 40 -0.67 13.20 -38.30
C ASN E 40 -0.03 14.19 -39.28
N GLY E 41 0.01 15.47 -38.90
CA GLY E 41 0.74 16.49 -39.66
C GLY E 41 2.26 16.45 -39.44
N VAL E 42 2.73 15.53 -38.59
CA VAL E 42 4.15 15.36 -38.31
C VAL E 42 4.85 14.82 -39.54
N GLU E 43 6.00 15.40 -39.87
CA GLU E 43 6.80 14.99 -41.01
C GLU E 43 8.21 14.60 -40.58
N LEU E 44 8.88 13.79 -41.38
CA LEU E 44 10.26 13.39 -41.11
C LEU E 44 11.08 13.94 -42.25
N ARG E 45 11.81 15.04 -42.01
CA ARG E 45 12.63 15.68 -43.04
C ARG E 45 14.05 15.84 -42.54
N ASP E 46 15.02 15.31 -43.32
CA ASP E 46 16.45 15.43 -43.03
C ASP E 46 16.80 14.86 -41.66
N ASN E 47 16.27 13.66 -41.36
CA ASN E 47 16.45 12.92 -40.10
C ASN E 47 15.87 13.63 -38.87
N GLN E 48 14.91 14.55 -39.08
CA GLN E 48 14.31 15.30 -38.00
C GLN E 48 12.78 15.24 -38.05
N LEU E 49 12.12 15.33 -36.88
CA LEU E 49 10.66 15.34 -36.83
C LEU E 49 10.22 16.79 -36.83
N VAL E 50 9.36 17.17 -37.79
CA VAL E 50 8.91 18.55 -37.94
C VAL E 50 7.54 18.73 -37.31
N VAL E 51 7.42 19.67 -36.38
CA VAL E 51 6.19 19.96 -35.66
C VAL E 51 5.18 20.70 -36.54
N PRO E 52 3.96 20.14 -36.69
CA PRO E 52 2.97 20.80 -37.55
C PRO E 52 2.23 21.97 -36.94
N SER E 53 2.06 21.99 -35.61
CA SER E 53 1.30 23.04 -34.94
C SER E 53 1.80 23.36 -33.55
N GLU E 54 1.52 24.58 -33.08
CA GLU E 54 1.91 25.04 -31.76
C GLU E 54 1.15 24.25 -30.67
N GLY E 55 1.79 24.04 -29.53
CA GLY E 55 1.16 23.34 -28.40
C GLY E 55 2.13 22.59 -27.49
N LEU E 56 1.59 21.94 -26.47
CA LEU E 56 2.41 21.13 -25.56
C LEU E 56 2.57 19.75 -26.19
N TYR E 57 3.79 19.21 -26.15
CA TYR E 57 4.07 17.91 -26.74
C TYR E 57 4.90 17.08 -25.80
N LEU E 58 4.62 15.79 -25.76
CA LEU E 58 5.42 14.84 -25.03
C LEU E 58 6.46 14.35 -26.05
N ILE E 59 7.74 14.42 -25.71
CA ILE E 59 8.83 13.99 -26.58
C ILE E 59 9.59 12.88 -25.87
N TYR E 60 9.91 11.79 -26.57
CA TYR E 60 10.60 10.67 -25.95
C TYR E 60 11.54 9.98 -26.92
N SER E 61 12.48 9.21 -26.35
CA SER E 61 13.46 8.46 -27.12
C SER E 61 14.04 7.31 -26.29
N GLN E 62 14.66 6.34 -26.97
CA GLN E 62 15.37 5.23 -26.36
C GLN E 62 16.39 4.72 -27.35
N VAL E 63 17.66 4.67 -26.96
CA VAL E 63 18.71 4.14 -27.82
C VAL E 63 19.46 3.05 -27.06
N LEU E 64 19.91 2.01 -27.76
CA LEU E 64 20.61 0.92 -27.09
C LEU E 64 22.04 0.77 -27.58
N PHE E 65 22.99 0.85 -26.66
CA PHE E 65 24.40 0.68 -26.99
C PHE E 65 24.86 -0.69 -26.49
N LYS E 66 25.82 -1.28 -27.19
CA LYS E 66 26.37 -2.57 -26.82
C LYS E 66 27.83 -2.65 -27.27
N GLY E 67 28.68 -3.21 -26.42
CA GLY E 67 30.09 -3.38 -26.74
C GLY E 67 30.55 -4.77 -26.38
N GLN E 68 31.53 -5.32 -27.12
CA GLN E 68 32.03 -6.66 -26.84
C GLN E 68 33.07 -6.74 -25.69
N GLY E 69 33.35 -5.61 -25.05
CA GLY E 69 34.27 -5.56 -23.93
C GLY E 69 34.69 -4.15 -23.58
N CYS E 70 35.75 -4.04 -22.77
CA CYS E 70 36.27 -2.74 -22.38
C CYS E 70 37.69 -2.54 -22.86
N PRO E 71 37.93 -1.49 -23.65
CA PRO E 71 39.29 -1.25 -24.15
C PRO E 71 40.17 -0.44 -23.18
N SER E 72 41.46 -0.21 -23.54
CA SER E 72 42.40 0.56 -22.71
C SER E 72 41.90 1.99 -22.45
N THR E 73 41.16 2.56 -23.42
CA THR E 73 40.60 3.90 -23.31
C THR E 73 39.17 3.88 -22.84
N HIS E 74 38.78 4.91 -22.05
CA HIS E 74 37.42 5.06 -21.54
C HIS E 74 36.46 5.47 -22.68
N VAL E 75 35.20 5.08 -22.55
CA VAL E 75 34.17 5.35 -23.56
C VAL E 75 33.03 6.19 -22.98
N LEU E 76 32.64 7.27 -23.66
CA LEU E 76 31.52 8.09 -23.25
C LEU E 76 30.38 7.97 -24.26
N LEU E 77 29.20 7.62 -23.80
CA LEU E 77 28.04 7.48 -24.68
C LEU E 77 27.07 8.61 -24.37
N THR E 78 26.58 9.31 -25.40
CA THR E 78 25.64 10.39 -25.21
C THR E 78 24.42 10.20 -26.11
N HIS E 79 23.30 10.71 -25.67
CA HIS E 79 22.06 10.69 -26.43
C HIS E 79 21.34 12.00 -26.14
N THR E 80 20.99 12.75 -27.17
CA THR E 80 20.43 14.09 -27.01
C THR E 80 19.23 14.34 -27.93
N ILE E 81 18.20 15.02 -27.43
CA ILE E 81 17.04 15.42 -28.22
C ILE E 81 17.12 16.93 -28.28
N SER E 82 17.26 17.49 -29.48
CA SER E 82 17.41 18.93 -29.65
C SER E 82 16.21 19.56 -30.34
N ARG E 83 16.07 20.86 -30.17
CA ARG E 83 15.00 21.62 -30.78
C ARG E 83 15.63 22.73 -31.61
N ILE E 84 15.17 22.89 -32.84
CA ILE E 84 15.65 23.95 -33.70
C ILE E 84 14.51 24.89 -33.95
N ALA E 85 14.70 26.15 -33.55
CA ALA E 85 13.72 27.22 -33.74
C ALA E 85 13.35 27.41 -35.23
N VAL E 86 12.17 27.98 -35.48
CA VAL E 86 11.63 28.13 -36.81
C VAL E 86 12.49 29.03 -37.73
N SER E 87 12.80 30.28 -37.34
CA SER E 87 13.61 31.18 -38.19
C SER E 87 15.07 31.27 -37.72
N TYR E 88 15.28 31.16 -36.40
CA TYR E 88 16.59 31.23 -35.76
C TYR E 88 17.60 30.22 -36.31
N GLN E 89 17.18 28.93 -36.43
CA GLN E 89 18.02 27.83 -36.90
C GLN E 89 19.18 27.56 -35.97
N THR E 90 18.86 27.57 -34.66
CA THR E 90 19.79 27.35 -33.56
C THR E 90 19.45 26.03 -32.88
N LYS E 91 20.46 25.26 -32.45
CA LYS E 91 20.23 23.97 -31.81
C LYS E 91 20.28 24.04 -30.28
N VAL E 92 19.14 23.78 -29.60
CA VAL E 92 19.12 23.79 -28.14
C VAL E 92 18.75 22.42 -27.60
N ASN E 93 19.55 21.89 -26.67
CA ASN E 93 19.28 20.60 -26.05
C ASN E 93 18.00 20.68 -25.22
N LEU E 94 17.08 19.74 -25.42
CA LEU E 94 15.87 19.65 -24.63
C LEU E 94 16.09 18.57 -23.58
N LEU E 95 16.60 17.40 -24.02
CA LEU E 95 16.87 16.26 -23.15
C LEU E 95 18.24 15.69 -23.52
N SER E 96 19.06 15.32 -22.52
CA SER E 96 20.40 14.78 -22.78
C SER E 96 20.89 13.90 -21.65
N ALA E 97 21.64 12.86 -21.98
CA ALA E 97 22.17 11.96 -20.98
C ALA E 97 23.53 11.41 -21.40
N ILE E 98 24.41 11.19 -20.43
CA ILE E 98 25.74 10.65 -20.68
C ILE E 98 25.91 9.40 -19.85
N LYS E 99 26.55 8.36 -20.41
CA LYS E 99 26.79 7.10 -19.73
C LYS E 99 28.21 6.63 -19.97
N SER E 100 28.82 6.00 -18.96
CA SER E 100 30.17 5.46 -19.03
C SER E 100 30.07 3.96 -18.80
N PRO E 101 30.01 3.17 -19.89
CA PRO E 101 29.85 1.71 -19.71
C PRO E 101 31.09 0.99 -19.19
N CYS E 102 32.27 1.63 -19.25
CA CYS E 102 33.52 1.01 -18.80
C CYS E 102 34.19 1.89 -17.75
N PRO E 114 30.73 -8.88 -22.46
CA PRO E 114 29.94 -7.92 -23.23
C PRO E 114 29.05 -7.05 -22.35
N TRP E 115 28.82 -5.80 -22.77
CA TRP E 115 28.00 -4.88 -22.00
C TRP E 115 26.83 -4.30 -22.80
N TYR E 116 25.78 -3.86 -22.12
CA TYR E 116 24.61 -3.26 -22.74
C TYR E 116 24.24 -1.99 -21.99
N GLU E 117 23.98 -0.90 -22.72
CA GLU E 117 23.64 0.38 -22.11
C GLU E 117 22.50 1.10 -22.81
N PRO E 118 21.30 1.08 -22.23
CA PRO E 118 20.19 1.83 -22.82
C PRO E 118 20.10 3.26 -22.27
N ILE E 119 19.69 4.21 -23.10
CA ILE E 119 19.50 5.58 -22.66
C ILE E 119 18.07 6.02 -22.90
N TYR E 120 17.39 6.45 -21.84
CA TYR E 120 15.99 6.86 -21.90
C TYR E 120 15.85 8.35 -21.66
N LEU E 121 15.09 9.03 -22.52
CA LEU E 121 14.81 10.46 -22.42
C LEU E 121 13.32 10.68 -22.64
N GLY E 122 12.72 11.54 -21.84
CA GLY E 122 11.30 11.85 -21.97
C GLY E 122 10.92 13.13 -21.26
N GLY E 123 9.97 13.86 -21.82
CA GLY E 123 9.52 15.11 -21.21
C GLY E 123 8.45 15.86 -21.98
N VAL E 124 7.81 16.85 -21.34
CA VAL E 124 6.80 17.69 -21.97
C VAL E 124 7.38 19.05 -22.30
N PHE E 125 7.26 19.48 -23.56
CA PHE E 125 7.81 20.75 -24.01
C PHE E 125 6.82 21.52 -24.85
N GLN E 126 6.80 22.85 -24.69
CA GLN E 126 5.94 23.70 -25.52
C GLN E 126 6.67 23.86 -26.84
N LEU E 127 6.08 23.42 -27.95
CA LEU E 127 6.72 23.53 -29.25
C LEU E 127 5.94 24.47 -30.17
N GLU E 128 6.63 25.06 -31.15
CA GLU E 128 5.99 25.95 -32.12
C GLU E 128 5.89 25.28 -33.49
N LYS E 129 4.99 25.77 -34.36
CA LYS E 129 4.84 25.24 -35.70
C LYS E 129 6.13 25.43 -36.50
N GLY E 130 6.64 24.35 -37.08
CA GLY E 130 7.87 24.39 -37.87
C GLY E 130 9.12 24.02 -37.12
N ASP E 131 9.02 23.80 -35.80
CA ASP E 131 10.20 23.43 -35.01
C ASP E 131 10.69 22.06 -35.41
N ARG E 132 12.00 21.91 -35.57
CA ARG E 132 12.59 20.62 -35.90
C ARG E 132 13.11 19.94 -34.62
N LEU E 133 12.94 18.62 -34.51
CA LEU E 133 13.43 17.86 -33.36
C LEU E 133 14.35 16.75 -33.86
N SER E 134 15.54 16.64 -33.27
CA SER E 134 16.51 15.61 -33.69
C SER E 134 17.06 14.82 -32.51
N ALA E 135 17.03 13.49 -32.63
CA ALA E 135 17.54 12.61 -31.59
C ALA E 135 18.86 12.06 -32.12
N GLU E 136 19.94 12.46 -31.46
CA GLU E 136 21.28 12.11 -31.89
C GLU E 136 22.12 11.42 -30.82
N ILE E 137 23.11 10.65 -31.26
CA ILE E 137 24.08 9.97 -30.40
C ILE E 137 25.51 10.34 -30.83
N ASN E 138 26.52 10.05 -30.01
CA ASN E 138 27.90 10.35 -30.37
C ASN E 138 28.65 9.12 -30.90
N ARG E 139 28.23 7.91 -30.49
CA ARG E 139 28.90 6.69 -30.92
C ARG E 139 27.99 5.72 -31.70
N PRO E 140 27.73 5.97 -32.99
CA PRO E 140 26.90 5.02 -33.77
C PRO E 140 27.56 3.66 -34.00
N ASP E 141 28.88 3.57 -33.80
CA ASP E 141 29.61 2.29 -33.89
C ASP E 141 29.22 1.33 -32.74
N TYR E 142 28.63 1.85 -31.65
CA TYR E 142 28.16 1.09 -30.50
C TYR E 142 26.66 0.86 -30.53
N VAL E 151 15.47 0.93 -30.30
CA VAL E 151 15.91 2.24 -30.76
C VAL E 151 14.74 2.99 -31.39
N TYR E 152 14.24 4.04 -30.70
CA TYR E 152 13.11 4.81 -31.23
C TYR E 152 13.11 6.30 -30.76
N PHE E 153 12.23 7.12 -31.35
CA PHE E 153 12.10 8.55 -31.09
C PHE E 153 10.69 8.92 -31.49
N GLY E 154 9.94 9.52 -30.58
CA GLY E 154 8.55 9.89 -30.85
C GLY E 154 8.04 11.13 -30.16
N ILE E 155 6.91 11.63 -30.65
CA ILE E 155 6.24 12.81 -30.10
C ILE E 155 4.70 12.59 -30.06
N ILE E 156 4.06 13.16 -29.03
CA ILE E 156 2.61 13.07 -28.87
C ILE E 156 2.08 14.45 -28.49
N ALA E 157 1.20 15.05 -29.31
CA ALA E 157 0.65 16.36 -28.98
C ALA E 157 -0.36 16.18 -27.83
N LEU E 158 -0.27 17.03 -26.80
CA LEU E 158 -1.16 16.89 -25.65
C LEU E 158 -2.50 17.61 -25.82
N SER F 10 -5.13 22.80 -24.75
CA SER F 10 -5.45 21.85 -23.68
C SER F 10 -5.52 22.52 -22.32
N ASP F 11 -6.41 22.01 -21.44
CA ASP F 11 -6.60 22.48 -20.07
C ASP F 11 -6.06 21.49 -19.01
N LYS F 12 -5.25 20.52 -19.44
CA LYS F 12 -4.67 19.51 -18.59
C LYS F 12 -3.55 20.06 -17.75
N PRO F 13 -3.60 19.88 -16.42
CA PRO F 13 -2.47 20.32 -15.57
C PRO F 13 -1.15 19.66 -16.00
N VAL F 14 -0.15 20.48 -16.36
CA VAL F 14 1.15 20.01 -16.81
C VAL F 14 2.28 20.81 -16.17
N ALA F 15 3.44 20.18 -16.04
CA ALA F 15 4.61 20.84 -15.50
C ALA F 15 5.90 20.20 -16.02
N HIS F 16 6.92 21.01 -16.24
CA HIS F 16 8.24 20.54 -16.63
C HIS F 16 9.24 21.56 -16.13
N VAL F 17 9.83 21.30 -14.97
CA VAL F 17 10.79 22.20 -14.36
C VAL F 17 12.21 21.67 -14.49
N VAL F 18 13.17 22.60 -14.49
CA VAL F 18 14.57 22.26 -14.68
C VAL F 18 15.43 22.73 -13.50
N ALA F 19 16.61 22.13 -13.34
CA ALA F 19 17.53 22.52 -12.26
C ALA F 19 18.17 23.87 -12.57
N ASN F 20 18.44 24.66 -11.54
CA ASN F 20 19.04 25.97 -11.70
C ASN F 20 20.51 25.79 -12.00
N PRO F 21 20.97 26.17 -13.21
CA PRO F 21 22.40 26.05 -13.54
C PRO F 21 23.29 27.01 -12.77
N GLN F 22 22.73 28.09 -12.21
CA GLN F 22 23.52 29.03 -11.41
C GLN F 22 23.51 28.66 -9.90
N ALA F 23 22.70 27.66 -9.48
CA ALA F 23 22.62 27.24 -8.08
C ALA F 23 23.72 26.24 -7.75
N GLU F 24 24.92 26.76 -7.45
CA GLU F 24 26.17 26.06 -7.13
C GLU F 24 25.99 24.57 -6.68
N GLY F 25 25.57 24.32 -5.44
CA GLY F 25 25.42 22.96 -4.95
C GLY F 25 24.11 22.67 -4.24
N GLN F 26 23.10 22.29 -5.02
CA GLN F 26 21.75 21.97 -4.55
C GLN F 26 20.84 21.77 -5.76
N LEU F 27 19.85 20.87 -5.65
CA LEU F 27 18.89 20.62 -6.72
C LEU F 27 17.67 21.51 -6.49
N GLN F 28 17.64 22.69 -7.11
CA GLN F 28 16.54 23.65 -7.02
C GLN F 28 15.80 23.79 -8.36
N TRP F 29 14.49 23.45 -8.39
CA TRP F 29 13.68 23.49 -9.62
C TRP F 29 13.18 24.86 -10.00
N LEU F 30 13.19 25.15 -11.32
CA LEU F 30 12.75 26.41 -11.92
C LEU F 30 11.76 26.19 -13.05
N ASN F 31 10.73 27.06 -13.14
CA ASN F 31 9.75 27.03 -14.23
C ASN F 31 10.03 28.19 -15.22
N ARG F 32 10.49 29.34 -14.72
CA ARG F 32 10.76 30.49 -15.57
C ARG F 32 12.11 30.41 -16.27
N ARG F 33 12.27 29.41 -17.13
CA ARG F 33 13.45 29.19 -17.95
C ARG F 33 13.01 28.82 -19.38
N ALA F 34 13.95 28.83 -20.35
CA ALA F 34 13.61 28.41 -21.71
C ALA F 34 13.34 26.91 -21.69
N ASN F 35 12.28 26.47 -22.37
CA ASN F 35 11.89 25.07 -22.46
C ASN F 35 11.53 24.46 -21.08
N ALA F 36 10.85 25.24 -20.26
CA ALA F 36 10.37 24.82 -18.95
C ALA F 36 9.00 25.47 -18.76
N LEU F 37 8.07 24.81 -18.03
CA LEU F 37 6.74 25.37 -17.82
C LEU F 37 5.97 24.85 -16.58
N LEU F 38 4.93 25.60 -16.19
CA LEU F 38 3.98 25.31 -15.13
C LEU F 38 2.67 25.78 -15.73
N ALA F 39 1.74 24.86 -16.01
CA ALA F 39 0.49 25.25 -16.65
C ALA F 39 -0.75 24.56 -16.06
N ASN F 40 -1.93 25.18 -16.26
CA ASN F 40 -3.25 24.69 -15.87
C ASN F 40 -3.39 24.31 -14.38
N GLY F 41 -2.92 25.18 -13.50
CA GLY F 41 -3.09 24.97 -12.08
C GLY F 41 -1.89 24.48 -11.29
N VAL F 42 -0.92 23.86 -11.97
CA VAL F 42 0.27 23.34 -11.29
C VAL F 42 1.11 24.49 -10.79
N GLU F 43 1.56 24.40 -9.54
CA GLU F 43 2.39 25.42 -8.92
C GLU F 43 3.70 24.82 -8.41
N LEU F 44 4.72 25.66 -8.27
CA LEU F 44 6.01 25.24 -7.74
C LEU F 44 6.20 26.02 -6.45
N ARG F 45 6.01 25.36 -5.31
CA ARG F 45 6.12 25.98 -4.00
C ARG F 45 7.05 25.18 -3.12
N ASP F 46 8.08 25.85 -2.56
CA ASP F 46 9.04 25.24 -1.64
C ASP F 46 9.74 24.03 -2.27
N ASN F 47 10.19 24.19 -3.53
CA ASN F 47 10.87 23.18 -4.34
C ASN F 47 10.01 21.95 -4.67
N GLN F 48 8.68 22.09 -4.57
CA GLN F 48 7.77 21.00 -4.83
C GLN F 48 6.69 21.37 -5.84
N LEU F 49 6.22 20.37 -6.60
CA LEU F 49 5.12 20.60 -7.54
C LEU F 49 3.82 20.35 -6.78
N VAL F 50 2.87 21.29 -6.83
CA VAL F 50 1.60 21.15 -6.12
C VAL F 50 0.51 20.79 -7.12
N VAL F 51 -0.17 19.68 -6.85
CA VAL F 51 -1.23 19.15 -7.70
C VAL F 51 -2.53 19.96 -7.57
N PRO F 52 -3.05 20.50 -8.68
CA PRO F 52 -4.26 21.33 -8.58
C PRO F 52 -5.59 20.55 -8.47
N SER F 53 -5.65 19.34 -9.01
CA SER F 53 -6.88 18.56 -9.01
C SER F 53 -6.66 17.06 -8.93
N GLU F 54 -7.67 16.34 -8.46
CA GLU F 54 -7.61 14.89 -8.35
C GLU F 54 -7.56 14.25 -9.74
N GLY F 55 -6.90 13.11 -9.86
CA GLY F 55 -6.82 12.38 -11.12
C GLY F 55 -5.58 11.56 -11.31
N LEU F 56 -5.48 10.88 -12.46
CA LEU F 56 -4.30 10.07 -12.77
C LEU F 56 -3.27 11.00 -13.38
N TYR F 57 -2.01 10.85 -13.00
CA TYR F 57 -0.94 11.69 -13.51
C TYR F 57 0.25 10.86 -13.90
N LEU F 58 0.92 11.24 -14.96
CA LEU F 58 2.20 10.66 -15.34
C LEU F 58 3.26 11.56 -14.65
N ILE F 59 4.16 10.97 -13.90
CA ILE F 59 5.21 11.70 -13.18
C ILE F 59 6.56 11.20 -13.68
N TYR F 60 7.49 12.10 -13.96
CA TYR F 60 8.81 11.71 -14.47
C TYR F 60 9.91 12.64 -13.99
N SER F 61 11.15 12.14 -13.98
CA SER F 61 12.29 12.94 -13.57
C SER F 61 13.59 12.33 -14.02
N GLN F 62 14.56 13.17 -14.39
CA GLN F 62 15.88 12.72 -14.75
C GLN F 62 16.90 13.58 -14.08
N VAL F 63 17.94 12.95 -13.55
CA VAL F 63 19.08 13.65 -12.94
C VAL F 63 20.35 13.05 -13.53
N LEU F 64 21.41 13.83 -13.62
CA LEU F 64 22.67 13.34 -14.16
C LEU F 64 23.79 13.56 -13.14
N PHE F 65 24.45 12.49 -12.75
CA PHE F 65 25.57 12.58 -11.82
C PHE F 65 26.88 12.40 -12.58
N LYS F 66 27.92 13.07 -12.12
CA LYS F 66 29.23 12.99 -12.74
C LYS F 66 30.29 13.15 -11.67
N GLY F 67 31.33 12.35 -11.76
CA GLY F 67 32.44 12.45 -10.83
C GLY F 67 33.76 12.43 -11.56
N GLN F 68 34.75 13.15 -11.00
CA GLN F 68 36.08 13.22 -11.56
C GLN F 68 36.98 12.11 -10.96
N GLY F 69 36.41 10.92 -10.73
CA GLY F 69 37.14 9.79 -10.16
C GLY F 69 36.43 9.08 -9.03
N CYS F 70 37.14 8.16 -8.36
CA CYS F 70 36.59 7.39 -7.24
C CYS F 70 37.55 7.38 -6.06
N THR F 73 37.01 4.98 -3.14
CA THR F 73 35.91 5.01 -2.16
C THR F 73 34.60 4.48 -2.75
N HIS F 74 33.62 4.16 -1.87
CA HIS F 74 32.32 3.72 -2.36
C HIS F 74 31.27 4.80 -2.14
N VAL F 75 30.57 5.16 -3.22
CA VAL F 75 29.58 6.22 -3.31
C VAL F 75 28.21 5.67 -3.72
N LEU F 76 27.14 6.11 -3.03
CA LEU F 76 25.78 5.71 -3.36
C LEU F 76 25.00 6.92 -3.87
N LEU F 77 24.41 6.80 -5.05
CA LEU F 77 23.64 7.88 -5.63
C LEU F 77 22.18 7.48 -5.64
N THR F 78 21.30 8.35 -5.15
CA THR F 78 19.88 8.06 -5.12
C THR F 78 19.09 9.19 -5.76
N HIS F 79 17.94 8.85 -6.32
CA HIS F 79 17.03 9.81 -6.90
C HIS F 79 15.64 9.29 -6.56
N THR F 80 14.81 10.14 -5.95
CA THR F 80 13.51 9.73 -5.46
C THR F 80 12.44 10.76 -5.77
N ILE F 81 11.26 10.30 -6.16
CA ILE F 81 10.10 11.16 -6.38
C ILE F 81 9.15 10.80 -5.28
N SER F 82 8.81 11.76 -4.41
CA SER F 82 7.94 11.51 -3.28
C SER F 82 6.63 12.24 -3.40
N ARG F 83 5.64 11.77 -2.64
CA ARG F 83 4.35 12.39 -2.59
C ARG F 83 4.03 12.72 -1.13
N ILE F 84 3.54 13.94 -0.89
CA ILE F 84 3.10 14.34 0.43
C ILE F 84 1.64 14.67 0.28
N ALA F 85 0.77 13.89 0.92
CA ALA F 85 -0.68 14.11 0.83
C ALA F 85 -1.12 15.18 1.79
N VAL F 86 -2.15 15.93 1.39
CA VAL F 86 -2.62 17.04 2.19
C VAL F 86 -3.30 16.58 3.49
N SER F 87 -3.89 15.37 3.52
CA SER F 87 -4.59 14.90 4.72
C SER F 87 -3.67 14.66 5.96
N TYR F 88 -2.64 13.80 5.85
CA TYR F 88 -1.79 13.55 7.03
C TYR F 88 -0.37 14.10 6.93
N GLN F 89 0.03 14.58 5.74
CA GLN F 89 1.35 15.14 5.48
C GLN F 89 2.48 14.14 5.64
N THR F 90 2.20 12.87 5.43
CA THR F 90 3.22 11.83 5.44
C THR F 90 3.92 11.87 4.07
N LYS F 91 5.20 11.54 4.03
CA LYS F 91 5.95 11.53 2.77
C LYS F 91 6.13 10.08 2.34
N VAL F 92 5.77 9.76 1.10
CA VAL F 92 5.89 8.40 0.61
C VAL F 92 6.63 8.36 -0.73
N ASN F 93 7.60 7.46 -0.87
CA ASN F 93 8.33 7.29 -2.11
C ASN F 93 7.37 6.74 -3.18
N LEU F 94 7.35 7.36 -4.35
CA LEU F 94 6.55 6.88 -5.46
C LEU F 94 7.51 6.14 -6.40
N LEU F 95 8.65 6.75 -6.72
CA LEU F 95 9.66 6.20 -7.62
C LEU F 95 11.02 6.43 -7.00
N SER F 96 11.92 5.44 -7.07
CA SER F 96 13.24 5.57 -6.47
C SER F 96 14.25 4.67 -7.14
N ALA F 97 15.49 5.14 -7.23
CA ALA F 97 16.55 4.35 -7.83
C ALA F 97 17.87 4.63 -7.14
N ILE F 98 18.70 3.59 -7.02
CA ILE F 98 20.01 3.71 -6.42
C ILE F 98 21.04 3.24 -7.43
N LYS F 99 22.18 3.94 -7.52
CA LYS F 99 23.27 3.60 -8.42
C LYS F 99 24.61 3.67 -7.67
N SER F 100 25.54 2.77 -8.00
CA SER F 100 26.87 2.72 -7.42
C SER F 100 27.85 2.94 -8.56
N PRO F 101 28.30 4.18 -8.77
CA PRO F 101 29.20 4.46 -9.89
C PRO F 101 30.63 3.93 -9.71
N CYS F 102 31.03 3.61 -8.47
CA CYS F 102 32.38 3.12 -8.23
C CYS F 102 32.38 1.60 -8.02
N GLN F 103 32.97 0.85 -8.96
CA GLN F 103 33.08 -0.61 -8.84
C GLN F 103 34.19 -1.01 -7.86
N PRO F 114 36.94 9.85 -15.56
CA PRO F 114 35.66 10.44 -15.15
C PRO F 114 34.49 9.49 -15.41
N TRP F 115 33.44 9.60 -14.59
CA TRP F 115 32.27 8.75 -14.75
C TRP F 115 30.98 9.56 -14.87
N TYR F 116 29.97 8.99 -15.52
CA TYR F 116 28.68 9.64 -15.70
C TYR F 116 27.58 8.64 -15.35
N GLU F 117 26.59 9.07 -14.57
CA GLU F 117 25.50 8.22 -14.15
C GLU F 117 24.15 8.90 -14.22
N PRO F 118 23.34 8.57 -15.25
CA PRO F 118 22.00 9.17 -15.33
C PRO F 118 20.95 8.29 -14.67
N ILE F 119 19.95 8.92 -14.06
CA ILE F 119 18.87 8.19 -13.43
C ILE F 119 17.55 8.74 -13.95
N TYR F 120 16.77 7.89 -14.61
CA TYR F 120 15.47 8.27 -15.13
C TYR F 120 14.36 7.54 -14.39
N LEU F 121 13.36 8.26 -13.88
CA LEU F 121 12.22 7.66 -13.18
C LEU F 121 10.93 8.08 -13.90
N GLY F 122 9.99 7.17 -14.06
CA GLY F 122 8.71 7.49 -14.68
C GLY F 122 7.59 6.54 -14.29
N GLY F 123 6.35 7.03 -14.22
CA GLY F 123 5.20 6.19 -13.89
C GLY F 123 3.88 6.93 -13.77
N VAL F 124 2.77 6.16 -13.72
CA VAL F 124 1.42 6.72 -13.56
C VAL F 124 0.91 6.52 -12.13
N PHE F 125 0.45 7.61 -11.51
CA PHE F 125 -0.02 7.59 -10.13
C PHE F 125 -1.31 8.37 -9.95
N GLN F 126 -2.21 7.88 -9.10
CA GLN F 126 -3.43 8.60 -8.78
C GLN F 126 -3.05 9.65 -7.73
N LEU F 127 -3.24 10.94 -8.04
CA LEU F 127 -2.92 12.01 -7.10
C LEU F 127 -4.18 12.77 -6.66
N GLU F 128 -4.13 13.39 -5.48
CA GLU F 128 -5.26 14.17 -4.96
C GLU F 128 -4.94 15.67 -5.00
N LYS F 129 -5.97 16.52 -4.96
CA LYS F 129 -5.81 17.98 -4.97
C LYS F 129 -5.03 18.42 -3.72
N GLY F 130 -3.98 19.20 -3.93
CA GLY F 130 -3.14 19.68 -2.84
C GLY F 130 -1.90 18.84 -2.57
N ASP F 131 -1.74 17.72 -3.28
CA ASP F 131 -0.57 16.85 -3.11
C ASP F 131 0.68 17.58 -3.50
N ARG F 132 1.79 17.34 -2.80
CA ARG F 132 3.06 17.96 -3.11
C ARG F 132 4.03 16.88 -3.57
N LEU F 133 4.65 17.07 -4.71
CA LEU F 133 5.58 16.12 -5.27
C LEU F 133 6.98 16.70 -5.21
N SER F 134 7.95 15.91 -4.83
CA SER F 134 9.32 16.36 -4.75
C SER F 134 10.19 15.39 -5.51
N ALA F 135 11.20 15.89 -6.20
CA ALA F 135 12.17 15.04 -6.88
C ALA F 135 13.53 15.41 -6.25
N GLU F 136 14.05 14.48 -5.45
CA GLU F 136 15.22 14.71 -4.65
C GLU F 136 16.34 13.73 -4.91
N ILE F 137 17.57 14.16 -4.67
CA ILE F 137 18.78 13.36 -4.77
C ILE F 137 19.52 13.41 -3.43
N ASN F 138 20.48 12.51 -3.21
CA ASN F 138 21.24 12.52 -1.95
C ASN F 138 22.59 13.23 -2.10
N ARG F 139 23.17 13.25 -3.31
CA ARG F 139 24.47 13.86 -3.52
C ARG F 139 24.45 15.01 -4.54
N PRO F 140 24.00 16.22 -4.14
CA PRO F 140 24.04 17.35 -5.08
C PRO F 140 25.45 17.82 -5.45
N ASP F 141 26.47 17.42 -4.68
CA ASP F 141 27.86 17.71 -5.01
C ASP F 141 28.32 16.95 -6.29
N TYR F 142 27.60 15.87 -6.67
CA TYR F 142 27.85 15.08 -7.87
C TYR F 142 26.88 15.42 -9.01
N LEU F 143 25.89 16.29 -8.80
CA LEU F 143 24.91 16.64 -9.81
C LEU F 143 25.51 17.53 -10.92
N ASP F 144 25.38 17.08 -12.18
CA ASP F 144 25.88 17.84 -13.31
C ASP F 144 24.76 18.52 -14.07
N PHE F 145 24.74 19.85 -13.99
CA PHE F 145 23.76 20.68 -14.69
C PHE F 145 24.43 21.81 -15.47
N ALA F 146 25.70 21.63 -15.88
CA ALA F 146 26.42 22.62 -16.68
C ALA F 146 25.96 22.68 -18.16
N GLU F 147 25.09 21.72 -18.57
CA GLU F 147 24.51 21.64 -19.92
C GLU F 147 23.00 21.42 -19.82
N SER F 148 22.24 21.91 -20.79
CA SER F 148 20.79 21.83 -20.79
C SER F 148 20.25 20.40 -21.00
N GLY F 149 19.05 20.16 -20.48
CA GLY F 149 18.34 18.91 -20.66
C GLY F 149 18.79 17.72 -19.84
N GLN F 150 19.69 17.91 -18.88
CA GLN F 150 20.21 16.79 -18.11
C GLN F 150 19.44 16.51 -16.82
N VAL F 151 18.88 17.56 -16.21
CA VAL F 151 18.19 17.48 -14.93
C VAL F 151 16.82 18.12 -15.03
N TYR F 152 15.75 17.33 -14.87
CA TYR F 152 14.39 17.85 -15.01
C TYR F 152 13.36 17.06 -14.21
N PHE F 153 12.18 17.64 -13.99
CA PHE F 153 11.12 17.00 -13.22
C PHE F 153 9.78 17.48 -13.78
N GLY F 154 8.89 16.55 -14.16
CA GLY F 154 7.61 16.93 -14.70
C GLY F 154 6.43 16.04 -14.39
N ILE F 155 5.22 16.57 -14.62
CA ILE F 155 3.96 15.86 -14.44
C ILE F 155 2.99 16.17 -15.59
N ILE F 156 2.16 15.18 -15.97
CA ILE F 156 1.16 15.34 -17.02
C ILE F 156 -0.13 14.70 -16.55
N ALA F 157 -1.22 15.48 -16.40
CA ALA F 157 -2.50 14.93 -15.98
C ALA F 157 -3.14 14.12 -17.09
N LEU F 158 -3.92 13.12 -16.72
CA LEU F 158 -4.65 12.30 -17.67
C LEU F 158 -6.15 12.49 -17.51
#